data_7BUZ
#
_entry.id   7BUZ
#
_cell.length_a   80.572
_cell.length_b   83.460
_cell.length_c   132.872
_cell.angle_alpha   90.000
_cell.angle_beta   90.000
_cell.angle_gamma   90.000
#
_symmetry.space_group_name_H-M   'P 21 21 21'
#
loop_
_entity.id
_entity.type
_entity.pdbx_description
1 polymer 'Pennisetum glaucum monodehydroascorbate reductase'
2 non-polymer 'FLAVIN-ADENINE DINUCLEOTIDE'
3 non-polymer NICOTINAMIDE-ADENINE-DINUCLEOTIDE
4 water water
#
_entity_poly.entity_id   1
_entity_poly.type   'polypeptide(L)'
_entity_poly.pdbx_seq_one_letter_code
;MASEKHFKYVILGGGVAAGYAAREFAKQGVKPGELAIISKEAVAPYERPALSKGYLFPQNAARLPGFHVCVGSGGERQLP
EWYSEKGIELILSTEIVKADLSTKTLTSAAGATFTYEILIIATGSSVIKLTDFGTQGADSNNILYLREIDDADKLVAAIQ
AKKGGKAVVVGGGYIGLELSAALKINDFDVTMVFPEPWCMPRLFTADIAAFYEAYYTNKGVKVLKGTLAVGFDANANGDV
TAVKLKDGKVLEADIVVVGVGGRPLTTLFKGQVAEEKGGIKTDAFFETSVPGVYAIGDVATFPLKMYNELRRVEHVDHSR
KSAEQAVKAIKGKESGESVPEYDYLPYFYSRSFDLGWQFYGDNVGETILFGDSDPTSSKPKFGSYWIKDGKVFGAFLEGG
SPDENNAIAKVAKTQPPVASIEELKKEGLQFASKI
;
_entity_poly.pdbx_strand_id   A,B
#
# COMPACT_ATOMS: atom_id res chain seq x y z
N SER A 3 -21.24 -13.14 32.76
CA SER A 3 -20.80 -13.11 31.36
C SER A 3 -19.35 -12.58 31.15
N GLU A 4 -18.99 -11.41 31.73
CA GLU A 4 -17.63 -10.88 31.59
C GLU A 4 -16.63 -11.81 32.30
N LYS A 5 -15.53 -12.15 31.63
CA LYS A 5 -14.52 -13.03 32.21
C LYS A 5 -13.34 -12.25 32.79
N HIS A 6 -12.71 -12.77 33.84
CA HIS A 6 -11.60 -12.11 34.49
C HIS A 6 -10.45 -13.08 34.68
N PHE A 7 -9.22 -12.64 34.35
CA PHE A 7 -8.01 -13.44 34.52
C PHE A 7 -6.87 -12.58 35.08
N LYS A 8 -5.91 -13.19 35.80
CA LYS A 8 -4.76 -12.44 36.30
C LYS A 8 -3.91 -12.00 35.09
N TYR A 9 -3.66 -12.93 34.15
CA TYR A 9 -2.87 -12.59 32.96
C TYR A 9 -3.65 -12.88 31.71
N VAL A 10 -3.57 -11.99 30.71
CA VAL A 10 -4.19 -12.25 29.42
C VAL A 10 -3.17 -12.02 28.29
N ILE A 11 -2.94 -13.03 27.44
CA ILE A 11 -2.09 -12.86 26.26
C ILE A 11 -3.08 -12.63 25.12
N LEU A 12 -2.99 -11.49 24.45
CA LEU A 12 -3.85 -11.17 23.34
C LEU A 12 -3.18 -11.68 22.05
N GLY A 13 -3.76 -12.69 21.44
CA GLY A 13 -3.21 -13.30 20.24
C GLY A 13 -2.90 -14.78 20.48
N GLY A 14 -2.93 -15.58 19.42
CA GLY A 14 -2.65 -17.01 19.56
C GLY A 14 -1.59 -17.52 18.61
N GLY A 15 -0.53 -16.74 18.46
CA GLY A 15 0.55 -17.08 17.55
C GLY A 15 1.74 -17.71 18.24
N VAL A 16 2.90 -17.62 17.59
CA VAL A 16 4.14 -18.17 18.09
C VAL A 16 4.52 -17.54 19.43
N ALA A 17 4.55 -16.21 19.54
CA ALA A 17 4.85 -15.56 20.82
C ALA A 17 3.84 -15.98 21.92
N ALA A 18 2.53 -16.02 21.62
CA ALA A 18 1.52 -16.46 22.58
C ALA A 18 1.72 -17.90 23.08
N GLY A 19 2.02 -18.83 22.16
CA GLY A 19 2.26 -20.24 22.49
C GLY A 19 3.49 -20.43 23.35
N TYR A 20 4.58 -19.68 23.06
CA TYR A 20 5.82 -19.77 23.85
C TYR A 20 5.72 -19.04 25.18
N ALA A 21 4.91 -17.96 25.27
CA ALA A 21 4.68 -17.27 26.54
C ALA A 21 3.93 -18.19 27.50
N ALA A 22 2.97 -19.01 26.98
CA ALA A 22 2.20 -19.99 27.72
C ALA A 22 3.11 -21.13 28.24
N ARG A 23 4.14 -21.56 27.45
CA ARG A 23 5.08 -22.57 27.95
C ARG A 23 5.87 -21.99 29.10
N GLU A 24 6.32 -20.74 28.96
CA GLU A 24 7.08 -20.07 30.00
C GLU A 24 6.26 -19.91 31.27
N PHE A 25 4.93 -19.64 31.14
CA PHE A 25 4.00 -19.51 32.27
C PHE A 25 3.89 -20.83 33.05
N ALA A 26 3.75 -21.97 32.36
CA ALA A 26 3.66 -23.26 33.04
C ALA A 26 4.96 -23.56 33.80
N LYS A 27 6.11 -23.20 33.21
CA LYS A 27 7.45 -23.35 33.80
C LYS A 27 7.53 -22.50 35.05
N GLN A 28 7.04 -21.24 34.98
CA GLN A 28 6.98 -20.30 36.10
C GLN A 28 5.93 -20.65 37.17
N GLY A 29 5.17 -21.73 36.99
CA GLY A 29 4.19 -22.20 37.95
C GLY A 29 2.80 -21.59 37.88
N VAL A 30 2.38 -21.15 36.67
CA VAL A 30 1.03 -20.57 36.46
C VAL A 30 -0.07 -21.51 37.04
N LYS A 31 -1.09 -20.93 37.69
CA LYS A 31 -2.13 -21.73 38.35
C LYS A 31 -3.42 -21.78 37.58
N PRO A 32 -4.23 -22.86 37.76
CA PRO A 32 -5.50 -22.96 37.02
C PRO A 32 -6.41 -21.76 37.21
N GLY A 33 -6.94 -21.27 36.09
CA GLY A 33 -7.79 -20.10 36.12
C GLY A 33 -7.07 -18.77 35.96
N GLU A 34 -5.74 -18.74 36.16
CA GLU A 34 -4.98 -17.49 36.08
C GLU A 34 -4.76 -16.90 34.71
N LEU A 35 -4.45 -17.72 33.70
CA LEU A 35 -4.11 -17.21 32.38
C LEU A 35 -5.10 -17.57 31.27
N ALA A 36 -5.31 -16.61 30.35
CA ALA A 36 -6.12 -16.84 29.18
C ALA A 36 -5.40 -16.33 27.95
N ILE A 37 -5.60 -17.04 26.84
CA ILE A 37 -5.07 -16.66 25.55
C ILE A 37 -6.27 -16.44 24.67
N ILE A 38 -6.45 -15.22 24.18
CA ILE A 38 -7.59 -14.92 23.31
C ILE A 38 -7.09 -14.82 21.87
N SER A 39 -7.58 -15.69 20.99
CA SER A 39 -7.13 -15.70 19.60
C SER A 39 -8.29 -15.70 18.63
N LYS A 40 -8.14 -14.96 17.52
CA LYS A 40 -9.17 -14.96 16.48
C LYS A 40 -9.15 -16.20 15.61
N GLU A 41 -8.07 -17.03 15.71
CA GLU A 41 -7.97 -18.27 14.96
C GLU A 41 -8.68 -19.39 15.69
N ALA A 42 -9.15 -20.38 14.94
CA ALA A 42 -9.90 -21.50 15.51
C ALA A 42 -9.02 -22.63 16.03
N VAL A 43 -7.69 -22.42 16.14
CA VAL A 43 -6.80 -23.50 16.58
C VAL A 43 -5.79 -22.98 17.59
N ALA A 44 -5.24 -23.90 18.40
CA ALA A 44 -4.20 -23.60 19.39
C ALA A 44 -2.94 -23.10 18.69
N PRO A 45 -2.14 -22.26 19.38
CA PRO A 45 -0.93 -21.70 18.74
C PRO A 45 -0.07 -22.73 18.01
N TYR A 46 0.41 -22.40 16.81
CA TYR A 46 1.18 -23.30 15.96
C TYR A 46 2.44 -22.63 15.37
N GLU A 47 3.36 -23.43 14.82
CA GLU A 47 4.59 -22.90 14.25
C GLU A 47 4.35 -22.34 12.86
N ARG A 48 3.99 -21.03 12.76
CA ARG A 48 3.70 -20.30 11.54
C ARG A 48 4.66 -20.58 10.38
N PRO A 49 6.01 -20.63 10.54
CA PRO A 49 6.86 -20.87 9.38
C PRO A 49 6.50 -22.12 8.56
N ALA A 50 5.76 -23.10 9.14
CA ALA A 50 5.35 -24.31 8.44
C ALA A 50 4.32 -24.06 7.31
N LEU A 51 3.66 -22.92 7.32
CA LEU A 51 2.61 -22.60 6.37
C LEU A 51 3.08 -22.41 4.95
N SER A 52 4.27 -21.85 4.76
CA SER A 52 4.87 -21.68 3.43
C SER A 52 5.85 -22.82 3.08
N LYS A 53 5.92 -23.87 3.91
CA LYS A 53 6.84 -24.98 3.75
C LYS A 53 6.04 -26.31 3.65
N GLY A 54 6.19 -27.22 4.61
CA GLY A 54 5.52 -28.52 4.60
C GLY A 54 4.03 -28.51 4.43
N TYR A 55 3.35 -27.45 4.89
CA TYR A 55 1.89 -27.36 4.72
C TYR A 55 1.45 -27.43 3.26
N LEU A 56 2.28 -26.88 2.39
CA LEU A 56 1.95 -26.82 0.97
C LEU A 56 2.42 -28.04 0.17
N PHE A 57 2.89 -29.11 0.83
CA PHE A 57 3.35 -30.31 0.11
C PHE A 57 2.23 -31.06 -0.54
N PRO A 58 2.40 -31.52 -1.79
CA PRO A 58 1.31 -32.29 -2.43
C PRO A 58 1.07 -33.66 -1.79
N GLN A 59 2.10 -34.22 -1.18
CA GLN A 59 2.03 -35.51 -0.50
C GLN A 59 2.66 -35.34 0.86
N ASN A 60 2.15 -36.07 1.86
CA ASN A 60 2.69 -36.06 3.22
C ASN A 60 3.03 -34.65 3.73
N ALA A 61 2.02 -33.79 3.68
CA ALA A 61 2.10 -32.40 4.09
C ALA A 61 2.03 -32.28 5.62
N ALA A 62 2.56 -31.18 6.17
CA ALA A 62 2.46 -30.86 7.58
C ALA A 62 1.01 -30.47 7.84
N ARG A 63 0.43 -30.96 8.92
CA ARG A 63 -0.96 -30.66 9.26
C ARG A 63 -1.09 -30.60 10.75
N LEU A 64 -2.01 -29.75 11.25
CA LEU A 64 -2.31 -29.75 12.69
C LEU A 64 -3.00 -31.08 13.03
N PRO A 65 -2.73 -31.64 14.23
CA PRO A 65 -1.98 -31.05 15.35
C PRO A 65 -0.47 -31.23 15.34
N GLY A 66 0.09 -31.72 14.24
CA GLY A 66 1.53 -31.96 14.11
C GLY A 66 2.47 -30.81 14.41
N PHE A 67 2.15 -29.58 13.94
CA PHE A 67 3.08 -28.45 14.14
C PHE A 67 2.64 -27.42 15.14
N HIS A 68 1.81 -27.78 16.14
CA HIS A 68 1.51 -26.82 17.22
C HIS A 68 2.83 -26.50 17.95
N VAL A 69 3.01 -25.27 18.51
CA VAL A 69 4.21 -24.95 19.30
C VAL A 69 4.32 -26.01 20.44
N CYS A 70 5.49 -26.38 20.94
CA CYS A 70 6.77 -25.76 20.67
C CYS A 70 7.65 -26.70 19.85
N VAL A 71 7.08 -27.49 18.92
CA VAL A 71 7.85 -28.48 18.17
C VAL A 71 8.90 -27.89 17.24
N GLY A 72 8.64 -26.68 16.71
CA GLY A 72 9.50 -25.98 15.76
C GLY A 72 10.86 -25.68 16.34
N SER A 73 10.96 -25.54 17.67
CA SER A 73 12.25 -25.33 18.31
C SER A 73 12.74 -26.56 19.12
N GLY A 74 12.12 -27.73 18.92
CA GLY A 74 12.45 -28.96 19.63
C GLY A 74 11.80 -29.07 21.00
N GLY A 75 10.67 -28.42 21.15
CA GLY A 75 9.89 -28.45 22.39
C GLY A 75 8.74 -29.43 22.29
N GLU A 76 8.03 -29.62 23.39
CA GLU A 76 6.87 -30.52 23.42
C GLU A 76 5.66 -29.89 22.72
N ARG A 77 4.92 -30.69 21.98
CA ARG A 77 3.69 -30.20 21.34
C ARG A 77 2.70 -29.72 22.41
N GLN A 78 2.11 -28.57 22.19
CA GLN A 78 1.09 -28.02 23.09
C GLN A 78 -0.25 -28.11 22.36
N LEU A 79 -0.98 -29.22 22.52
CA LEU A 79 -2.29 -29.41 21.89
C LEU A 79 -3.37 -28.67 22.68
N PRO A 80 -4.63 -28.51 22.21
CA PRO A 80 -5.66 -27.86 23.05
C PRO A 80 -5.74 -28.45 24.48
N GLU A 81 -5.45 -29.76 24.61
CA GLU A 81 -5.47 -30.51 25.86
C GLU A 81 -4.40 -30.02 26.82
N TRP A 82 -3.23 -29.62 26.30
CA TRP A 82 -2.13 -29.08 27.08
C TRP A 82 -2.57 -27.85 27.88
N TYR A 83 -3.37 -26.98 27.24
CA TYR A 83 -3.83 -25.76 27.89
C TYR A 83 -4.96 -26.07 28.90
N SER A 84 -6.02 -26.80 28.46
CA SER A 84 -7.15 -27.10 29.33
C SER A 84 -6.72 -27.89 30.57
N GLU A 85 -5.88 -28.94 30.38
CA GLU A 85 -5.34 -29.74 31.48
C GLU A 85 -4.52 -28.91 32.48
N LYS A 86 -3.97 -27.76 32.08
CA LYS A 86 -3.22 -26.88 33.00
C LYS A 86 -4.04 -25.72 33.60
N GLY A 87 -5.28 -25.59 33.19
CA GLY A 87 -6.12 -24.49 33.63
C GLY A 87 -5.78 -23.21 32.91
N ILE A 88 -5.18 -23.31 31.70
CA ILE A 88 -4.92 -22.15 30.85
C ILE A 88 -6.13 -22.08 29.94
N GLU A 89 -6.83 -20.97 29.96
CA GLU A 89 -8.04 -20.80 29.19
C GLU A 89 -7.73 -20.37 27.75
N LEU A 90 -7.97 -21.27 26.81
CA LEU A 90 -7.76 -20.99 25.39
C LEU A 90 -9.07 -20.51 24.79
N ILE A 91 -9.21 -19.18 24.57
CA ILE A 91 -10.42 -18.58 24.00
C ILE A 91 -10.24 -18.38 22.49
N LEU A 92 -10.71 -19.36 21.70
CA LEU A 92 -10.56 -19.37 20.27
C LEU A 92 -11.70 -18.72 19.49
N SER A 93 -11.45 -18.44 18.20
CA SER A 93 -12.33 -17.79 17.24
C SER A 93 -12.90 -16.46 17.77
N THR A 94 -12.12 -15.76 18.61
CA THR A 94 -12.53 -14.53 19.24
C THR A 94 -11.60 -13.39 18.83
N GLU A 95 -12.13 -12.43 18.06
CA GLU A 95 -11.34 -11.28 17.65
C GLU A 95 -11.64 -10.15 18.61
N ILE A 96 -10.61 -9.59 19.23
CA ILE A 96 -10.80 -8.45 20.13
C ILE A 96 -10.81 -7.19 19.26
N VAL A 97 -11.95 -6.53 19.21
CA VAL A 97 -12.10 -5.32 18.39
C VAL A 97 -11.90 -4.03 19.16
N LYS A 98 -11.71 -4.10 20.50
CA LYS A 98 -11.52 -2.91 21.32
C LYS A 98 -10.72 -3.24 22.55
N ALA A 99 -9.69 -2.46 22.81
CA ALA A 99 -8.85 -2.65 23.99
C ALA A 99 -8.80 -1.36 24.79
N ASP A 100 -9.29 -1.38 26.04
CA ASP A 100 -9.19 -0.21 26.90
C ASP A 100 -8.20 -0.52 28.00
N LEU A 101 -6.98 0.03 27.85
CA LEU A 101 -5.92 -0.21 28.79
C LEU A 101 -6.14 0.44 30.15
N SER A 102 -6.81 1.61 30.18
CA SER A 102 -7.04 2.30 31.45
C SER A 102 -7.99 1.52 32.35
N THR A 103 -9.00 0.84 31.77
CA THR A 103 -9.91 0.00 32.58
C THR A 103 -9.53 -1.49 32.58
N LYS A 104 -8.46 -1.87 31.86
CA LYS A 104 -7.98 -3.24 31.71
C LYS A 104 -9.05 -4.17 31.15
N THR A 105 -9.78 -3.68 30.15
CA THR A 105 -10.89 -4.45 29.55
C THR A 105 -10.80 -4.56 28.03
N LEU A 106 -10.97 -5.79 27.53
CA LEU A 106 -10.94 -6.11 26.12
C LEU A 106 -12.32 -6.57 25.69
N THR A 107 -12.78 -6.11 24.52
CA THR A 107 -14.10 -6.50 24.04
C THR A 107 -14.02 -7.24 22.69
N SER A 108 -14.64 -8.40 22.62
CA SER A 108 -14.65 -9.23 21.42
C SER A 108 -15.63 -8.69 20.37
N ALA A 109 -15.54 -9.18 19.13
CA ALA A 109 -16.42 -8.76 18.05
C ALA A 109 -17.88 -9.03 18.39
N ALA A 110 -18.17 -10.12 19.14
CA ALA A 110 -19.51 -10.47 19.60
C ALA A 110 -19.95 -9.66 20.86
N GLY A 111 -19.19 -8.64 21.26
CA GLY A 111 -19.51 -7.81 22.41
C GLY A 111 -19.13 -8.36 23.77
N ALA A 112 -18.59 -9.59 23.82
CA ALA A 112 -18.17 -10.19 25.09
C ALA A 112 -16.98 -9.42 25.65
N THR A 113 -16.92 -9.26 26.98
CA THR A 113 -15.81 -8.53 27.60
C THR A 113 -14.92 -9.43 28.42
N PHE A 114 -13.65 -9.00 28.61
CA PHE A 114 -12.63 -9.74 29.33
C PHE A 114 -11.71 -8.77 30.08
N THR A 115 -11.42 -9.05 31.37
CA THR A 115 -10.52 -8.21 32.14
C THR A 115 -9.24 -8.96 32.49
N TYR A 116 -8.16 -8.22 32.66
CA TYR A 116 -6.87 -8.77 33.00
C TYR A 116 -6.20 -7.90 34.06
N GLU A 117 -5.16 -8.43 34.74
CA GLU A 117 -4.30 -7.62 35.60
C GLU A 117 -3.05 -7.30 34.78
N ILE A 118 -2.49 -8.31 34.07
CA ILE A 118 -1.34 -8.13 33.17
C ILE A 118 -1.78 -8.43 31.73
N LEU A 119 -1.34 -7.61 30.75
CA LEU A 119 -1.67 -7.85 29.35
C LEU A 119 -0.42 -8.15 28.57
N ILE A 120 -0.43 -9.22 27.77
CA ILE A 120 0.68 -9.49 26.86
C ILE A 120 0.14 -9.33 25.44
N ILE A 121 0.64 -8.34 24.72
CA ILE A 121 0.24 -8.06 23.35
C ILE A 121 1.06 -8.89 22.36
N ALA A 122 0.43 -9.92 21.80
CA ALA A 122 1.11 -10.83 20.89
C ALA A 122 0.28 -10.94 19.62
N THR A 123 -0.12 -9.77 19.06
CA THR A 123 -1.00 -9.74 17.90
C THR A 123 -0.28 -9.89 16.53
N GLY A 124 1.04 -9.96 16.54
CA GLY A 124 1.84 -10.18 15.34
C GLY A 124 1.65 -9.17 14.25
N SER A 125 1.60 -9.64 12.99
CA SER A 125 1.44 -8.75 11.85
C SER A 125 0.27 -9.11 10.98
N SER A 126 -0.30 -8.11 10.33
CA SER A 126 -1.37 -8.38 9.35
C SER A 126 -0.71 -8.36 7.95
N VAL A 127 -1.21 -9.18 7.05
CA VAL A 127 -0.63 -9.30 5.69
C VAL A 127 -1.04 -8.11 4.82
N ILE A 128 -0.08 -7.54 4.11
CA ILE A 128 -0.35 -6.44 3.16
C ILE A 128 -1.01 -7.04 1.92
N LYS A 129 -2.10 -6.45 1.46
CA LYS A 129 -2.80 -6.91 0.28
C LYS A 129 -2.74 -5.88 -0.85
N LEU A 130 -2.82 -6.32 -2.10
CA LEU A 130 -2.79 -5.42 -3.25
C LEU A 130 -4.01 -4.51 -3.26
N THR A 131 -5.15 -4.98 -2.70
CA THR A 131 -6.35 -4.18 -2.53
C THR A 131 -6.12 -2.99 -1.60
N ASP A 132 -5.17 -3.06 -0.66
CA ASP A 132 -4.83 -1.93 0.22
C ASP A 132 -4.26 -0.78 -0.60
N PHE A 133 -3.53 -1.10 -1.67
CA PHE A 133 -2.93 -0.15 -2.61
C PHE A 133 -3.99 0.43 -3.58
N GLY A 134 -5.15 -0.21 -3.68
CA GLY A 134 -6.23 0.15 -4.59
C GLY A 134 -5.98 -0.34 -6.01
N THR A 135 -5.20 -1.43 -6.14
CA THR A 135 -4.82 -2.03 -7.43
C THR A 135 -6.06 -2.51 -8.19
N GLN A 136 -6.13 -2.19 -9.47
CA GLN A 136 -7.24 -2.58 -10.32
C GLN A 136 -7.36 -4.12 -10.43
N GLY A 137 -8.54 -4.63 -10.04
CA GLY A 137 -8.86 -6.05 -10.13
C GLY A 137 -8.24 -6.97 -9.11
N ALA A 138 -7.56 -6.40 -8.10
CA ALA A 138 -6.91 -7.15 -7.04
C ALA A 138 -7.87 -7.90 -6.11
N ASP A 139 -9.16 -7.56 -6.18
CA ASP A 139 -10.18 -8.22 -5.41
C ASP A 139 -10.72 -9.48 -6.15
N SER A 140 -10.14 -9.88 -7.30
CA SER A 140 -10.59 -11.07 -8.01
C SER A 140 -10.35 -12.32 -7.14
N ASN A 141 -11.17 -13.34 -7.36
CA ASN A 141 -11.02 -14.59 -6.62
C ASN A 141 -9.78 -15.29 -7.14
N ASN A 142 -9.18 -16.11 -6.28
CA ASN A 142 -7.96 -16.85 -6.56
C ASN A 142 -6.70 -15.96 -6.56
N ILE A 143 -6.79 -14.75 -5.95
CA ILE A 143 -5.67 -13.86 -5.68
C ILE A 143 -5.53 -14.03 -4.17
N LEU A 144 -4.58 -14.84 -3.75
CA LEU A 144 -4.41 -15.33 -2.39
C LEU A 144 -3.20 -14.80 -1.65
N TYR A 145 -3.26 -14.83 -0.31
CA TYR A 145 -2.21 -14.40 0.62
C TYR A 145 -1.87 -15.56 1.58
N LEU A 146 -0.77 -15.45 2.32
CA LEU A 146 -0.39 -16.51 3.26
C LEU A 146 0.15 -15.92 4.55
N ARG A 147 -0.68 -15.88 5.60
CA ARG A 147 -0.28 -15.40 6.91
C ARG A 147 -0.68 -16.46 7.95
N GLU A 148 -1.94 -16.94 7.87
CA GLU A 148 -2.57 -17.85 8.80
C GLU A 148 -3.02 -19.16 8.18
N ILE A 149 -3.41 -20.13 9.04
CA ILE A 149 -3.80 -21.48 8.62
C ILE A 149 -5.05 -21.50 7.77
N ASP A 150 -6.00 -20.55 7.95
CA ASP A 150 -7.17 -20.49 7.07
C ASP A 150 -6.73 -20.05 5.67
N ASP A 151 -5.72 -19.14 5.58
CA ASP A 151 -5.14 -18.70 4.31
C ASP A 151 -4.46 -19.88 3.60
N ALA A 152 -3.75 -20.73 4.40
CA ALA A 152 -3.04 -21.92 3.94
C ALA A 152 -4.02 -22.92 3.39
N ASP A 153 -5.16 -23.13 4.08
CA ASP A 153 -6.22 -24.04 3.66
C ASP A 153 -6.88 -23.55 2.36
N LYS A 154 -7.04 -22.23 2.18
CA LYS A 154 -7.57 -21.68 0.92
C LYS A 154 -6.58 -21.91 -0.21
N LEU A 155 -5.28 -21.77 0.07
CA LEU A 155 -4.25 -21.96 -0.93
C LEU A 155 -4.16 -23.47 -1.32
N VAL A 156 -4.21 -24.36 -0.35
CA VAL A 156 -4.17 -25.80 -0.57
C VAL A 156 -5.41 -26.20 -1.38
N ALA A 157 -6.58 -25.58 -1.11
CA ALA A 157 -7.79 -25.87 -1.93
C ALA A 157 -7.60 -25.34 -3.35
N ALA A 158 -7.04 -24.13 -3.51
CA ALA A 158 -6.85 -23.56 -4.85
C ALA A 158 -5.85 -24.31 -5.70
N ILE A 159 -4.76 -24.79 -5.11
CA ILE A 159 -3.74 -25.59 -5.80
C ILE A 159 -4.38 -26.86 -6.39
N GLN A 160 -5.28 -27.48 -5.62
CA GLN A 160 -6.05 -28.67 -5.98
C GLN A 160 -7.07 -28.38 -7.08
N ALA A 161 -7.87 -27.31 -6.92
CA ALA A 161 -8.86 -26.87 -7.91
C ALA A 161 -8.22 -26.45 -9.22
N LYS A 162 -7.05 -25.78 -9.16
CA LYS A 162 -6.39 -25.29 -10.39
C LYS A 162 -5.23 -26.15 -10.84
N LYS A 163 -5.18 -27.41 -10.42
CA LYS A 163 -4.14 -28.39 -10.74
C LYS A 163 -3.61 -28.35 -12.17
N GLY A 164 -2.29 -28.28 -12.31
CA GLY A 164 -1.62 -28.23 -13.61
C GLY A 164 -1.86 -26.94 -14.38
N GLY A 165 -2.21 -25.87 -13.68
CA GLY A 165 -2.48 -24.60 -14.33
C GLY A 165 -1.31 -23.64 -14.27
N LYS A 166 -1.61 -22.35 -14.35
CA LYS A 166 -0.59 -21.32 -14.29
C LYS A 166 -0.70 -20.54 -13.02
N ALA A 167 0.42 -20.31 -12.38
CA ALA A 167 0.49 -19.53 -11.15
C ALA A 167 1.39 -18.33 -11.35
N VAL A 168 1.02 -17.19 -10.78
CA VAL A 168 1.87 -16.02 -10.77
C VAL A 168 2.09 -15.65 -9.28
N VAL A 169 3.35 -15.51 -8.90
CA VAL A 169 3.71 -15.14 -7.54
C VAL A 169 4.13 -13.70 -7.60
N VAL A 170 3.49 -12.87 -6.80
CA VAL A 170 3.79 -11.45 -6.76
C VAL A 170 4.63 -11.19 -5.54
N GLY A 171 5.88 -10.82 -5.73
CA GLY A 171 6.76 -10.52 -4.60
C GLY A 171 8.02 -11.35 -4.66
N GLY A 172 9.13 -10.70 -4.36
CA GLY A 172 10.43 -11.33 -4.41
C GLY A 172 11.17 -11.46 -3.12
N GLY A 173 10.44 -11.42 -2.00
CA GLY A 173 11.05 -11.70 -0.70
C GLY A 173 11.11 -13.21 -0.47
N TYR A 174 11.44 -13.64 0.76
CA TYR A 174 11.52 -15.07 1.05
C TYR A 174 10.14 -15.76 0.99
N ILE A 175 9.04 -15.04 1.21
CA ILE A 175 7.70 -15.63 1.08
C ILE A 175 7.42 -15.90 -0.41
N GLY A 176 7.77 -14.96 -1.29
CA GLY A 176 7.63 -15.14 -2.72
C GLY A 176 8.43 -16.33 -3.22
N LEU A 177 9.62 -16.49 -2.68
CA LEU A 177 10.51 -17.58 -2.98
C LEU A 177 9.93 -18.91 -2.50
N GLU A 178 9.51 -18.97 -1.24
CA GLU A 178 8.93 -20.19 -0.69
C GLU A 178 7.63 -20.56 -1.39
N LEU A 179 6.84 -19.57 -1.77
CA LEU A 179 5.59 -19.81 -2.48
C LEU A 179 5.83 -20.32 -3.86
N SER A 180 6.80 -19.73 -4.60
CA SER A 180 7.15 -20.13 -5.97
C SER A 180 7.61 -21.57 -5.95
N ALA A 181 8.48 -21.91 -4.98
CA ALA A 181 8.99 -23.28 -4.85
C ALA A 181 7.84 -24.24 -4.56
N ALA A 182 6.92 -23.87 -3.66
CA ALA A 182 5.78 -24.71 -3.32
C ALA A 182 4.89 -24.94 -4.51
N LEU A 183 4.49 -23.88 -5.25
CA LEU A 183 3.66 -23.97 -6.43
C LEU A 183 4.30 -24.85 -7.51
N LYS A 184 5.64 -24.80 -7.62
CA LYS A 184 6.39 -25.60 -8.57
C LYS A 184 6.41 -27.07 -8.14
N ILE A 185 6.69 -27.38 -6.85
CA ILE A 185 6.65 -28.77 -6.38
C ILE A 185 5.18 -29.33 -6.45
N ASN A 186 4.16 -28.44 -6.59
CA ASN A 186 2.76 -28.88 -6.81
C ASN A 186 2.37 -28.97 -8.28
N ASP A 187 3.36 -28.87 -9.20
CA ASP A 187 3.18 -29.04 -10.63
C ASP A 187 2.44 -27.87 -11.34
N PHE A 188 2.75 -26.65 -10.94
CA PHE A 188 2.23 -25.47 -11.60
C PHE A 188 3.29 -24.89 -12.54
N ASP A 189 2.82 -24.18 -13.55
CA ASP A 189 3.71 -23.40 -14.40
C ASP A 189 3.78 -22.12 -13.55
N VAL A 190 4.97 -21.81 -13.00
CA VAL A 190 5.18 -20.70 -12.07
C VAL A 190 6.00 -19.53 -12.62
N THR A 191 5.47 -18.30 -12.46
CA THR A 191 6.18 -17.09 -12.82
C THR A 191 6.21 -16.21 -11.59
N MET A 192 7.38 -15.74 -11.21
CA MET A 192 7.61 -14.93 -10.03
C MET A 192 7.90 -13.50 -10.51
N VAL A 193 7.13 -12.48 -10.02
CA VAL A 193 7.23 -11.06 -10.43
C VAL A 193 7.60 -10.09 -9.27
N PHE A 194 8.71 -9.32 -9.41
CA PHE A 194 9.18 -8.35 -8.40
C PHE A 194 10.06 -7.28 -9.05
N PRO A 195 10.03 -6.04 -8.54
CA PRO A 195 10.74 -4.95 -9.23
C PRO A 195 12.22 -4.74 -8.89
N GLU A 196 12.68 -5.32 -7.77
CA GLU A 196 14.07 -5.19 -7.33
C GLU A 196 15.05 -5.89 -8.26
N PRO A 197 16.32 -5.40 -8.29
CA PRO A 197 17.31 -5.99 -9.20
C PRO A 197 17.77 -7.40 -8.85
N TRP A 198 17.32 -7.94 -7.69
CA TRP A 198 17.54 -9.32 -7.28
C TRP A 198 16.56 -9.72 -6.14
N CYS A 199 16.35 -11.05 -5.96
CA CYS A 199 15.45 -11.57 -4.94
C CYS A 199 16.01 -11.39 -3.51
N MET A 200 15.09 -11.43 -2.51
CA MET A 200 15.35 -11.18 -1.11
C MET A 200 16.22 -9.91 -0.91
N PRO A 201 15.80 -8.77 -1.51
CA PRO A 201 16.62 -7.56 -1.52
C PRO A 201 17.06 -6.98 -0.18
N ARG A 202 16.32 -7.26 0.90
CA ARG A 202 16.63 -6.75 2.23
C ARG A 202 17.77 -7.51 2.95
N LEU A 203 18.18 -8.67 2.39
CA LEU A 203 19.25 -9.47 2.96
C LEU A 203 20.28 -9.95 1.91
N PHE A 204 19.83 -10.64 0.86
CA PHE A 204 20.74 -11.16 -0.15
C PHE A 204 21.55 -10.07 -0.83
N THR A 205 22.80 -10.38 -1.07
CA THR A 205 23.67 -9.54 -1.87
C THR A 205 23.32 -9.94 -3.34
N ALA A 206 23.90 -9.25 -4.34
CA ALA A 206 23.66 -9.64 -5.74
C ALA A 206 24.18 -11.06 -6.00
N ASP A 207 25.29 -11.44 -5.34
CA ASP A 207 25.95 -12.73 -5.49
C ASP A 207 25.16 -13.87 -4.90
N ILE A 208 24.59 -13.70 -3.70
CA ILE A 208 23.75 -14.71 -3.07
C ILE A 208 22.50 -14.89 -3.90
N ALA A 209 21.85 -13.77 -4.30
CA ALA A 209 20.64 -13.82 -5.11
C ALA A 209 20.82 -14.60 -6.38
N ALA A 210 21.94 -14.39 -7.09
CA ALA A 210 22.25 -15.06 -8.35
C ALA A 210 22.18 -16.59 -8.24
N PHE A 211 22.59 -17.13 -7.07
CA PHE A 211 22.53 -18.58 -6.88
C PHE A 211 21.06 -19.06 -6.88
N TYR A 212 20.21 -18.44 -6.02
CA TYR A 212 18.81 -18.79 -5.88
C TYR A 212 18.02 -18.56 -7.16
N GLU A 213 18.32 -17.47 -7.89
CA GLU A 213 17.65 -17.21 -9.16
C GLU A 213 17.96 -18.29 -10.20
N ALA A 214 19.22 -18.66 -10.32
CA ALA A 214 19.65 -19.72 -11.23
C ALA A 214 19.06 -21.07 -10.81
N TYR A 215 19.10 -21.39 -9.50
CA TYR A 215 18.53 -22.63 -8.94
C TYR A 215 17.02 -22.72 -9.24
N TYR A 216 16.27 -21.63 -9.06
CA TYR A 216 14.83 -21.61 -9.34
C TYR A 216 14.57 -21.73 -10.85
N THR A 217 15.43 -21.10 -11.68
CA THR A 217 15.34 -21.17 -13.12
C THR A 217 15.54 -22.63 -13.56
N ASN A 218 16.58 -23.31 -13.05
CA ASN A 218 16.78 -24.73 -13.33
C ASN A 218 15.58 -25.58 -12.92
N LYS A 219 14.87 -25.21 -11.84
CA LYS A 219 13.68 -25.92 -11.38
C LYS A 219 12.41 -25.67 -12.18
N GLY A 220 12.47 -24.77 -13.17
CA GLY A 220 11.34 -24.42 -14.03
C GLY A 220 10.66 -23.11 -13.69
N VAL A 221 11.07 -22.46 -12.61
CA VAL A 221 10.44 -21.20 -12.19
C VAL A 221 10.89 -20.06 -13.06
N LYS A 222 9.95 -19.25 -13.57
CA LYS A 222 10.33 -18.09 -14.40
C LYS A 222 10.45 -16.87 -13.54
N VAL A 223 11.68 -16.39 -13.35
CA VAL A 223 11.95 -15.26 -12.50
C VAL A 223 11.92 -13.98 -13.32
N LEU A 224 10.94 -13.12 -13.05
CA LEU A 224 10.78 -11.86 -13.76
C LEU A 224 11.08 -10.68 -12.88
N LYS A 225 12.37 -10.31 -12.77
CA LYS A 225 12.77 -9.16 -11.98
C LYS A 225 12.59 -7.87 -12.79
N GLY A 226 12.56 -6.74 -12.09
CA GLY A 226 12.41 -5.44 -12.74
C GLY A 226 11.02 -5.13 -13.23
N THR A 227 9.99 -5.89 -12.77
CA THR A 227 8.62 -5.55 -13.17
C THR A 227 7.67 -5.65 -11.94
N LEU A 228 6.47 -5.12 -12.11
CA LEU A 228 5.53 -4.97 -11.03
C LEU A 228 4.12 -5.29 -11.51
N ALA A 229 3.31 -5.95 -10.69
CA ALA A 229 1.92 -6.23 -11.05
C ALA A 229 1.07 -4.95 -10.78
N VAL A 230 0.42 -4.40 -11.83
CA VAL A 230 -0.39 -3.17 -11.75
C VAL A 230 -1.91 -3.37 -11.91
N GLY A 231 -2.34 -4.59 -12.13
CA GLY A 231 -3.75 -4.88 -12.35
C GLY A 231 -4.00 -6.32 -12.74
N PHE A 232 -5.28 -6.71 -12.76
CA PHE A 232 -5.66 -8.09 -13.05
C PHE A 232 -6.88 -8.17 -13.89
N ASP A 233 -6.94 -9.16 -14.79
CA ASP A 233 -8.15 -9.43 -15.54
C ASP A 233 -8.91 -10.52 -14.78
N ALA A 234 -10.23 -10.55 -14.93
CA ALA A 234 -11.06 -11.58 -14.29
C ALA A 234 -12.18 -12.04 -15.23
N ASN A 235 -12.75 -13.23 -14.97
CA ASN A 235 -13.83 -13.74 -15.83
C ASN A 235 -15.22 -13.38 -15.21
N ALA A 236 -16.33 -13.92 -15.77
CA ALA A 236 -17.67 -13.60 -15.27
C ALA A 236 -17.92 -14.03 -13.83
N ASN A 237 -17.25 -15.10 -13.35
CA ASN A 237 -17.39 -15.52 -11.95
C ASN A 237 -16.55 -14.61 -10.95
N GLY A 238 -15.77 -13.68 -11.49
CA GLY A 238 -14.90 -12.82 -10.72
C GLY A 238 -13.54 -13.44 -10.44
N ASP A 239 -13.22 -14.54 -11.13
CA ASP A 239 -11.99 -15.27 -10.91
C ASP A 239 -10.88 -14.68 -11.71
N VAL A 240 -9.70 -14.57 -11.12
CA VAL A 240 -8.52 -14.04 -11.81
C VAL A 240 -8.20 -14.88 -13.05
N THR A 241 -7.92 -14.19 -14.16
CA THR A 241 -7.54 -14.83 -15.40
C THR A 241 -6.17 -14.37 -15.87
N ALA A 242 -5.73 -13.15 -15.52
CA ALA A 242 -4.43 -12.65 -15.95
C ALA A 242 -3.84 -11.61 -14.98
N VAL A 243 -2.53 -11.36 -15.06
CA VAL A 243 -1.81 -10.39 -14.25
C VAL A 243 -1.19 -9.38 -15.19
N LYS A 244 -1.56 -8.12 -15.09
CA LYS A 244 -1.04 -7.07 -15.91
C LYS A 244 0.18 -6.50 -15.25
N LEU A 245 1.27 -6.33 -15.99
CA LEU A 245 2.51 -5.79 -15.42
C LEU A 245 2.78 -4.36 -15.91
N LYS A 246 3.59 -3.59 -15.17
CA LYS A 246 3.93 -2.23 -15.51
C LYS A 246 4.54 -2.11 -16.89
N ASP A 247 5.30 -3.12 -17.32
CA ASP A 247 5.97 -3.08 -18.63
C ASP A 247 5.05 -3.38 -19.83
N GLY A 248 3.77 -3.61 -19.58
CA GLY A 248 2.84 -3.94 -20.65
C GLY A 248 2.58 -5.42 -20.82
N LYS A 249 3.50 -6.29 -20.30
CA LYS A 249 3.29 -7.76 -20.37
C LYS A 249 2.05 -8.19 -19.58
N VAL A 250 1.35 -9.19 -20.09
CA VAL A 250 0.12 -9.68 -19.47
C VAL A 250 0.28 -11.17 -19.30
N LEU A 251 0.40 -11.61 -18.04
CA LEU A 251 0.63 -13.02 -17.77
C LEU A 251 -0.66 -13.72 -17.52
N GLU A 252 -0.89 -14.86 -18.19
CA GLU A 252 -2.07 -15.67 -17.91
C GLU A 252 -1.91 -16.27 -16.51
N ALA A 253 -3.02 -16.40 -15.76
CA ALA A 253 -2.96 -16.90 -14.40
C ALA A 253 -4.26 -17.54 -13.94
N ASP A 254 -4.16 -18.77 -13.47
CA ASP A 254 -5.25 -19.53 -12.84
C ASP A 254 -5.29 -19.27 -11.34
N ILE A 255 -4.13 -18.97 -10.75
CA ILE A 255 -4.04 -18.62 -9.35
C ILE A 255 -2.92 -17.59 -9.24
N VAL A 256 -3.14 -16.59 -8.38
CA VAL A 256 -2.11 -15.61 -8.05
C VAL A 256 -1.86 -15.69 -6.55
N VAL A 257 -0.60 -15.81 -6.14
CA VAL A 257 -0.27 -15.84 -4.71
C VAL A 257 0.66 -14.67 -4.45
N VAL A 258 0.32 -13.84 -3.45
CA VAL A 258 1.05 -12.60 -3.21
C VAL A 258 1.85 -12.65 -1.93
N GLY A 259 3.10 -12.22 -2.02
CA GLY A 259 3.99 -12.09 -0.88
C GLY A 259 4.56 -10.67 -0.89
N VAL A 260 3.76 -9.68 -0.45
CA VAL A 260 4.24 -8.28 -0.50
C VAL A 260 4.46 -7.65 0.88
N GLY A 261 4.68 -8.49 1.89
CA GLY A 261 4.94 -7.99 3.23
C GLY A 261 3.82 -8.01 4.25
N GLY A 262 4.12 -7.41 5.39
CA GLY A 262 3.21 -7.34 6.51
C GLY A 262 3.53 -6.14 7.38
N ARG A 263 2.61 -5.83 8.27
CA ARG A 263 2.76 -4.71 9.19
C ARG A 263 2.32 -5.12 10.59
N PRO A 264 2.97 -4.61 11.65
CA PRO A 264 2.51 -4.92 13.01
C PRO A 264 1.02 -4.61 13.21
N LEU A 265 0.31 -5.47 13.92
CA LEU A 265 -1.12 -5.29 14.17
C LEU A 265 -1.29 -4.62 15.52
N THR A 266 -1.16 -3.29 15.53
CA THR A 266 -1.21 -2.48 16.75
C THR A 266 -2.39 -1.46 16.81
N THR A 267 -3.34 -1.57 15.89
CA THR A 267 -4.50 -0.67 15.75
C THR A 267 -5.28 -0.47 17.04
N LEU A 268 -5.50 -1.57 17.81
CA LEU A 268 -6.20 -1.56 19.08
C LEU A 268 -5.56 -0.67 20.14
N PHE A 269 -4.29 -0.30 19.95
CA PHE A 269 -3.52 0.41 20.96
C PHE A 269 -3.05 1.80 20.55
N LYS A 270 -3.31 2.24 19.31
CA LYS A 270 -2.89 3.57 18.85
C LYS A 270 -3.35 4.70 19.80
N GLY A 271 -2.40 5.43 20.35
CA GLY A 271 -2.69 6.49 21.29
C GLY A 271 -2.49 6.06 22.74
N GLN A 272 -2.87 4.82 23.07
CA GLN A 272 -2.73 4.33 24.43
C GLN A 272 -1.31 3.89 24.77
N VAL A 273 -0.50 3.54 23.76
CA VAL A 273 0.89 3.13 23.98
C VAL A 273 1.82 3.93 23.08
N ALA A 274 3.07 4.09 23.54
CA ALA A 274 4.09 4.77 22.78
C ALA A 274 4.51 3.89 21.59
N GLU A 275 4.70 4.50 20.43
CA GLU A 275 5.10 3.78 19.23
C GLU A 275 6.40 4.31 18.67
N GLU A 276 7.17 3.44 18.06
CA GLU A 276 8.41 3.79 17.43
C GLU A 276 8.75 2.75 16.38
N LYS A 277 9.27 3.22 15.23
CA LYS A 277 9.72 2.38 14.13
C LYS A 277 8.69 1.37 13.66
N GLY A 278 7.43 1.75 13.67
CA GLY A 278 6.35 0.89 13.19
C GLY A 278 5.70 -0.01 14.22
N GLY A 279 6.33 -0.16 15.38
CA GLY A 279 5.78 -1.03 16.43
C GLY A 279 5.52 -0.33 17.73
N ILE A 280 5.05 -1.09 18.73
CA ILE A 280 4.81 -0.63 20.08
C ILE A 280 6.16 -0.66 20.81
N LYS A 281 6.62 0.49 21.32
CA LYS A 281 7.90 0.61 21.99
C LYS A 281 7.93 -0.10 23.32
N THR A 282 8.99 -0.88 23.55
CA THR A 282 9.18 -1.62 24.80
C THR A 282 10.57 -1.34 25.40
N ASP A 283 10.80 -1.79 26.64
CA ASP A 283 12.11 -1.71 27.28
C ASP A 283 12.82 -3.10 27.08
N ALA A 284 13.99 -3.34 27.73
CA ALA A 284 14.68 -4.64 27.58
C ALA A 284 13.91 -5.80 28.20
N PHE A 285 12.69 -5.56 28.70
CA PHE A 285 11.84 -6.57 29.34
C PHE A 285 10.47 -6.72 28.67
N PHE A 286 10.29 -6.13 27.46
CA PHE A 286 9.09 -6.09 26.63
C PHE A 286 7.91 -5.38 27.31
N GLU A 287 8.19 -4.50 28.30
CA GLU A 287 7.11 -3.74 28.92
C GLU A 287 6.90 -2.47 28.11
N THR A 288 5.63 -2.14 27.81
CA THR A 288 5.27 -0.91 27.08
C THR A 288 5.28 0.34 28.04
N SER A 289 4.96 1.53 27.52
CA SER A 289 4.84 2.76 28.31
C SER A 289 3.70 2.68 29.38
N VAL A 290 2.87 1.62 29.33
CA VAL A 290 1.81 1.36 30.29
C VAL A 290 2.24 0.20 31.21
N PRO A 291 2.39 0.49 32.51
CA PRO A 291 2.77 -0.59 33.45
C PRO A 291 1.85 -1.82 33.40
N GLY A 292 2.44 -3.01 33.36
CA GLY A 292 1.66 -4.24 33.30
C GLY A 292 1.15 -4.62 31.92
N VAL A 293 1.55 -3.88 30.89
CA VAL A 293 1.16 -4.18 29.51
C VAL A 293 2.44 -4.43 28.74
N TYR A 294 2.57 -5.65 28.21
CA TYR A 294 3.76 -6.08 27.49
C TYR A 294 3.52 -6.25 26.00
N ALA A 295 4.54 -6.07 25.16
CA ALA A 295 4.43 -6.25 23.73
C ALA A 295 5.53 -7.16 23.26
N ILE A 296 5.19 -8.34 22.71
CA ILE A 296 6.18 -9.33 22.26
C ILE A 296 6.07 -9.68 20.75
N GLY A 297 7.05 -10.41 20.23
CA GLY A 297 7.04 -10.86 18.85
C GLY A 297 7.16 -9.74 17.86
N ASP A 298 6.36 -9.81 16.78
CA ASP A 298 6.37 -8.86 15.67
C ASP A 298 6.05 -7.41 16.01
N VAL A 299 5.12 -7.14 16.93
CA VAL A 299 4.70 -5.77 17.27
C VAL A 299 5.72 -4.99 18.08
N ALA A 300 6.67 -5.66 18.71
CA ALA A 300 7.62 -4.99 19.59
C ALA A 300 8.77 -4.29 18.90
N THR A 301 9.00 -3.01 19.27
CA THR A 301 10.18 -2.27 18.85
C THR A 301 10.91 -2.20 20.18
N PHE A 302 11.96 -2.98 20.28
CA PHE A 302 12.67 -3.22 21.53
C PHE A 302 14.16 -2.84 21.43
N PRO A 303 14.86 -2.67 22.56
CA PRO A 303 16.28 -2.35 22.49
C PRO A 303 17.08 -3.56 22.01
N LEU A 304 17.76 -3.45 20.85
CA LEU A 304 18.61 -4.54 20.37
C LEU A 304 20.00 -4.30 20.98
N LYS A 305 20.17 -4.85 22.19
CA LYS A 305 21.33 -4.68 23.06
C LYS A 305 22.71 -4.70 22.36
N MET A 306 23.01 -5.70 21.51
CA MET A 306 24.33 -5.78 20.89
C MET A 306 24.60 -4.71 19.81
N TYR A 307 23.55 -4.06 19.27
CA TYR A 307 23.73 -2.97 18.28
C TYR A 307 23.39 -1.58 18.82
N ASN A 308 23.15 -1.47 20.14
CA ASN A 308 22.82 -0.26 20.88
C ASN A 308 21.82 0.64 20.16
N GLU A 309 20.69 0.05 19.71
CA GLU A 309 19.61 0.78 19.06
C GLU A 309 18.28 0.03 19.17
N LEU A 310 17.15 0.75 19.08
CA LEU A 310 15.81 0.16 19.09
C LEU A 310 15.59 -0.50 17.73
N ARG A 311 15.04 -1.72 17.71
CA ARG A 311 14.78 -2.43 16.46
C ARG A 311 13.43 -3.16 16.52
N ARG A 312 12.89 -3.48 15.35
CA ARG A 312 11.68 -4.27 15.17
C ARG A 312 12.10 -5.39 14.19
N VAL A 313 11.82 -6.65 14.53
CA VAL A 313 12.15 -7.78 13.67
C VAL A 313 10.91 -8.66 13.40
N GLU A 314 10.96 -9.48 12.36
CA GLU A 314 9.89 -10.44 12.06
C GLU A 314 10.55 -11.80 11.93
N HIS A 315 11.05 -12.31 13.05
CA HIS A 315 11.77 -13.58 13.11
C HIS A 315 11.05 -14.50 14.05
N VAL A 316 10.91 -15.77 13.68
CA VAL A 316 10.28 -16.75 14.56
C VAL A 316 11.09 -16.94 15.84
N ASP A 317 12.43 -16.82 15.78
CA ASP A 317 13.33 -16.95 16.95
C ASP A 317 13.06 -15.84 17.97
N HIS A 318 12.90 -14.62 17.48
CA HIS A 318 12.58 -13.48 18.32
C HIS A 318 11.19 -13.67 18.94
N SER A 319 10.22 -14.24 18.20
CA SER A 319 8.88 -14.43 18.74
C SER A 319 8.87 -15.34 19.93
N ARG A 320 9.66 -16.41 19.87
CA ARG A 320 9.79 -17.38 20.94
C ARG A 320 10.57 -16.78 22.14
N LYS A 321 11.75 -16.21 21.87
CA LYS A 321 12.63 -15.64 22.89
C LYS A 321 12.03 -14.43 23.59
N SER A 322 11.42 -13.52 22.83
CA SER A 322 10.79 -12.32 23.40
C SER A 322 9.62 -12.73 24.29
N ALA A 323 8.91 -13.81 23.92
CA ALA A 323 7.80 -14.33 24.71
C ALA A 323 8.31 -14.83 26.06
N GLU A 324 9.44 -15.54 26.06
CA GLU A 324 10.03 -16.04 27.30
C GLU A 324 10.54 -14.90 28.16
N GLN A 325 11.16 -13.90 27.55
CA GLN A 325 11.67 -12.74 28.28
C GLN A 325 10.55 -12.02 29.05
N ALA A 326 9.39 -11.77 28.40
CA ALA A 326 8.27 -11.05 29.03
C ALA A 326 7.70 -11.76 30.27
N VAL A 327 7.47 -13.08 30.19
CA VAL A 327 6.96 -13.89 31.30
C VAL A 327 7.96 -13.93 32.44
N LYS A 328 9.25 -13.99 32.12
CA LYS A 328 10.30 -13.94 33.12
C LYS A 328 10.28 -12.54 33.80
N ALA A 329 10.07 -11.45 33.03
CA ALA A 329 9.99 -10.12 33.61
C ALA A 329 8.76 -9.95 34.53
N ILE A 330 7.57 -10.45 34.10
CA ILE A 330 6.30 -10.41 34.84
C ILE A 330 6.41 -11.20 36.16
N LYS A 331 6.88 -12.45 36.09
CA LYS A 331 7.02 -13.29 37.28
C LYS A 331 8.12 -12.80 38.21
N GLY A 332 9.20 -12.26 37.64
CA GLY A 332 10.29 -11.69 38.43
C GLY A 332 9.85 -10.49 39.24
N LYS A 333 8.96 -9.65 38.68
CA LYS A 333 8.43 -8.49 39.42
C LYS A 333 7.54 -8.97 40.57
N GLU A 334 6.79 -10.08 40.39
CA GLU A 334 5.96 -10.61 41.46
C GLU A 334 6.81 -11.09 42.64
N SER A 335 7.97 -11.71 42.34
CA SER A 335 8.91 -12.28 43.31
C SER A 335 10.06 -11.38 43.73
N GLY A 336 10.16 -10.18 43.16
CA GLY A 336 11.29 -9.29 43.44
C GLY A 336 12.63 -9.72 42.85
N GLU A 337 12.62 -10.80 42.02
CA GLU A 337 13.82 -11.34 41.39
C GLU A 337 14.23 -10.50 40.19
N SER A 338 15.55 -10.33 39.98
CA SER A 338 16.05 -9.56 38.85
C SER A 338 16.12 -10.42 37.59
N VAL A 339 15.79 -9.84 36.43
CA VAL A 339 15.86 -10.55 35.16
C VAL A 339 16.84 -9.79 34.27
N PRO A 340 17.82 -10.47 33.64
CA PRO A 340 18.75 -9.74 32.75
C PRO A 340 18.06 -9.15 31.52
N GLU A 341 18.72 -8.19 30.90
CA GLU A 341 18.17 -7.55 29.72
C GLU A 341 18.15 -8.49 28.52
N TYR A 342 17.17 -8.29 27.65
CA TYR A 342 17.01 -9.10 26.46
C TYR A 342 18.20 -8.87 25.56
N ASP A 343 18.94 -9.93 25.31
CA ASP A 343 20.12 -9.84 24.49
C ASP A 343 19.94 -10.78 23.31
N TYR A 344 19.25 -10.28 22.28
CA TYR A 344 18.91 -11.07 21.09
C TYR A 344 19.95 -10.94 19.96
N LEU A 345 20.37 -12.06 19.40
CA LEU A 345 21.23 -12.12 18.23
C LEU A 345 20.28 -12.35 17.08
N PRO A 346 20.16 -11.38 16.15
CA PRO A 346 19.27 -11.60 14.99
C PRO A 346 19.58 -12.91 14.26
N TYR A 347 18.55 -13.77 14.12
CA TYR A 347 18.65 -15.05 13.46
C TYR A 347 17.44 -15.19 12.60
N PHE A 348 17.68 -15.42 11.32
CA PHE A 348 16.61 -15.64 10.36
C PHE A 348 16.97 -16.88 9.51
N TYR A 349 15.98 -17.56 8.96
CA TYR A 349 16.22 -18.70 8.10
C TYR A 349 15.12 -18.83 7.06
N SER A 350 15.37 -19.63 6.01
CA SER A 350 14.41 -19.93 4.94
C SER A 350 14.78 -21.25 4.25
N ARG A 351 13.78 -21.99 3.82
CA ARG A 351 13.93 -23.27 3.17
C ARG A 351 12.98 -23.33 1.99
N SER A 352 13.36 -24.03 0.96
CA SER A 352 12.55 -24.22 -0.24
C SER A 352 13.29 -25.23 -1.12
N PHE A 353 12.57 -26.03 -1.91
CA PHE A 353 13.15 -27.10 -2.73
C PHE A 353 14.00 -28.01 -1.80
N ASP A 354 15.28 -28.22 -2.12
CA ASP A 354 16.16 -28.97 -1.23
C ASP A 354 17.15 -28.04 -0.55
N LEU A 355 16.90 -26.73 -0.56
CA LEU A 355 17.78 -25.74 0.02
C LEU A 355 17.36 -25.38 1.45
N GLY A 356 18.26 -24.77 2.18
CA GLY A 356 17.98 -24.31 3.53
C GLY A 356 19.10 -23.41 4.00
N TRP A 357 18.81 -22.13 4.21
CA TRP A 357 19.83 -21.19 4.67
C TRP A 357 19.50 -20.52 5.98
N GLN A 358 20.53 -20.03 6.64
CA GLN A 358 20.45 -19.36 7.94
C GLN A 358 21.31 -18.12 7.91
N PHE A 359 20.82 -17.05 8.54
CA PHE A 359 21.55 -15.80 8.64
C PHE A 359 21.59 -15.38 10.12
N TYR A 360 22.73 -14.88 10.58
CA TYR A 360 22.90 -14.37 11.94
C TYR A 360 23.58 -13.02 11.90
N GLY A 361 23.21 -12.16 12.83
CA GLY A 361 23.86 -10.87 12.98
C GLY A 361 23.21 -9.73 12.24
N ASP A 362 24.03 -8.85 11.65
CA ASP A 362 23.54 -7.68 10.95
C ASP A 362 24.16 -7.58 9.57
N ASN A 363 23.36 -7.39 8.53
CA ASN A 363 23.88 -7.29 7.18
C ASN A 363 24.35 -5.86 6.84
N VAL A 364 25.51 -5.48 7.39
CA VAL A 364 26.08 -4.16 7.17
C VAL A 364 27.56 -4.30 6.84
N GLY A 365 28.07 -3.38 6.03
CA GLY A 365 29.49 -3.35 5.69
C GLY A 365 29.79 -3.96 4.34
N GLU A 366 31.02 -4.42 4.15
CA GLU A 366 31.42 -5.03 2.88
C GLU A 366 31.18 -6.54 2.90
N THR A 367 30.88 -7.15 1.75
CA THR A 367 30.60 -8.57 1.71
C THR A 367 31.55 -9.36 0.84
N ILE A 368 31.74 -10.63 1.23
CA ILE A 368 32.51 -11.63 0.50
C ILE A 368 31.69 -12.89 0.43
N LEU A 369 31.77 -13.61 -0.69
CA LEU A 369 31.10 -14.89 -0.88
C LEU A 369 32.13 -15.98 -0.81
N PHE A 370 31.79 -17.13 -0.22
CA PHE A 370 32.74 -18.24 -0.14
C PHE A 370 32.04 -19.59 -0.23
N GLY A 371 32.79 -20.57 -0.70
CA GLY A 371 32.30 -21.94 -0.79
C GLY A 371 31.86 -22.32 -2.17
N ASP A 372 31.08 -23.39 -2.23
CA ASP A 372 30.56 -23.93 -3.47
C ASP A 372 29.18 -23.31 -3.79
N SER A 373 29.17 -22.30 -4.65
CA SER A 373 27.92 -21.62 -4.99
C SER A 373 27.44 -21.96 -6.41
N ASP A 374 27.67 -23.19 -6.83
CA ASP A 374 27.22 -23.73 -8.10
C ASP A 374 25.81 -24.29 -7.88
N PRO A 375 24.79 -23.72 -8.54
CA PRO A 375 23.42 -24.22 -8.35
C PRO A 375 23.19 -25.68 -8.80
N THR A 376 24.08 -26.21 -9.63
CA THR A 376 23.94 -27.58 -10.12
C THR A 376 24.53 -28.62 -9.13
N SER A 377 25.29 -28.18 -8.10
CA SER A 377 25.86 -29.09 -7.10
C SER A 377 24.80 -29.92 -6.43
N SER A 378 25.12 -31.17 -6.07
CA SER A 378 24.14 -32.02 -5.43
C SER A 378 23.82 -31.58 -3.99
N LYS A 379 24.77 -30.89 -3.35
CA LYS A 379 24.55 -30.38 -2.01
C LYS A 379 25.28 -29.05 -1.91
N PRO A 380 24.70 -27.96 -2.45
CA PRO A 380 25.38 -26.66 -2.37
C PRO A 380 25.64 -26.23 -0.93
N LYS A 381 26.85 -25.80 -0.67
CA LYS A 381 27.25 -25.31 0.63
C LYS A 381 28.07 -24.07 0.37
N PHE A 382 27.50 -22.92 0.67
CA PHE A 382 28.15 -21.63 0.45
C PHE A 382 27.63 -20.61 1.46
N GLY A 383 28.48 -19.66 1.80
CA GLY A 383 28.11 -18.62 2.74
C GLY A 383 28.58 -17.25 2.32
N SER A 384 28.34 -16.30 3.17
CA SER A 384 28.77 -14.93 2.97
C SER A 384 29.01 -14.27 4.36
N TYR A 385 29.99 -13.34 4.46
CA TYR A 385 30.25 -12.54 5.66
C TYR A 385 30.09 -11.06 5.28
N TRP A 386 29.64 -10.25 6.26
CA TRP A 386 29.46 -8.82 6.19
C TRP A 386 30.52 -8.23 7.16
N ILE A 387 31.41 -7.34 6.67
CA ILE A 387 32.49 -6.77 7.48
C ILE A 387 32.31 -5.28 7.69
N LYS A 388 32.06 -4.87 8.94
CA LYS A 388 31.89 -3.47 9.33
C LYS A 388 32.91 -3.15 10.43
N ASP A 389 33.56 -1.96 10.36
CA ASP A 389 34.56 -1.50 11.33
C ASP A 389 35.64 -2.54 11.60
N GLY A 390 36.04 -3.26 10.56
CA GLY A 390 37.06 -4.28 10.65
C GLY A 390 36.70 -5.54 11.39
N LYS A 391 35.40 -5.83 11.53
CA LYS A 391 34.94 -7.04 12.24
C LYS A 391 33.81 -7.67 11.48
N VAL A 392 33.61 -8.98 11.67
CA VAL A 392 32.49 -9.66 11.05
C VAL A 392 31.21 -9.25 11.79
N PHE A 393 30.26 -8.64 11.07
CA PHE A 393 28.97 -8.26 11.67
C PHE A 393 27.86 -9.22 11.29
N GLY A 394 27.94 -9.81 10.10
CA GLY A 394 26.91 -10.71 9.62
C GLY A 394 27.49 -11.97 8.99
N ALA A 395 26.70 -13.05 9.08
CA ALA A 395 27.11 -14.32 8.53
C ALA A 395 25.92 -15.03 7.94
N PHE A 396 26.08 -15.52 6.74
CA PHE A 396 25.03 -16.25 6.04
C PHE A 396 25.59 -17.63 5.64
N LEU A 397 24.77 -18.69 5.75
CA LEU A 397 25.21 -20.02 5.32
C LEU A 397 24.07 -20.80 4.69
N GLU A 398 24.28 -21.30 3.48
CA GLU A 398 23.34 -22.17 2.79
C GLU A 398 23.93 -23.61 2.88
N GLY A 399 23.11 -24.57 3.29
CA GLY A 399 23.49 -25.98 3.33
C GLY A 399 24.45 -26.39 4.43
N GLY A 400 24.48 -25.60 5.49
CA GLY A 400 25.32 -25.92 6.63
C GLY A 400 24.80 -27.06 7.46
N SER A 401 25.68 -27.68 8.22
CA SER A 401 25.34 -28.72 9.17
C SER A 401 24.99 -28.00 10.47
N PRO A 402 24.31 -28.66 11.43
CA PRO A 402 23.99 -27.97 12.69
C PRO A 402 25.21 -27.39 13.40
N ASP A 403 26.40 -28.00 13.23
CA ASP A 403 27.61 -27.45 13.84
C ASP A 403 28.11 -26.27 13.04
N GLU A 404 28.05 -26.34 11.70
CA GLU A 404 28.50 -25.22 10.86
C GLU A 404 27.60 -24.00 11.05
N ASN A 405 26.30 -24.22 11.30
CA ASN A 405 25.32 -23.16 11.56
C ASN A 405 25.58 -22.53 12.96
N ASN A 406 25.96 -23.35 13.93
CA ASN A 406 26.31 -22.87 15.27
C ASN A 406 27.62 -22.07 15.22
N ALA A 407 28.56 -22.49 14.35
CA ALA A 407 29.82 -21.78 14.21
C ALA A 407 29.62 -20.36 13.66
N ILE A 408 28.75 -20.17 12.64
CA ILE A 408 28.52 -18.81 12.11
C ILE A 408 27.68 -17.96 13.06
N ALA A 409 26.86 -18.59 13.93
CA ALA A 409 26.12 -17.82 14.95
C ALA A 409 27.16 -17.26 15.96
N LYS A 410 28.16 -18.06 16.33
CA LYS A 410 29.20 -17.63 17.27
C LYS A 410 30.07 -16.53 16.63
N VAL A 411 30.32 -16.60 15.30
CA VAL A 411 31.05 -15.55 14.61
C VAL A 411 30.23 -14.23 14.67
N ALA A 412 28.93 -14.29 14.37
CA ALA A 412 28.07 -13.10 14.38
C ALA A 412 27.83 -12.55 15.81
N LYS A 413 27.86 -13.43 16.82
CA LYS A 413 27.71 -13.02 18.21
C LYS A 413 29.02 -12.40 18.76
N THR A 414 30.18 -12.95 18.40
CA THR A 414 31.46 -12.47 18.92
C THR A 414 32.15 -11.38 18.09
N GLN A 415 31.73 -11.18 16.84
CA GLN A 415 32.31 -10.19 15.91
C GLN A 415 33.84 -10.24 15.86
N PRO A 416 34.42 -11.34 15.35
CA PRO A 416 35.88 -11.45 15.33
C PRO A 416 36.55 -10.44 14.42
N PRO A 417 37.81 -10.04 14.70
CA PRO A 417 38.49 -9.08 13.84
C PRO A 417 38.88 -9.63 12.47
N VAL A 418 38.81 -8.77 11.47
CA VAL A 418 39.16 -9.07 10.10
C VAL A 418 40.27 -8.12 9.68
N ALA A 419 41.50 -8.63 9.66
CA ALA A 419 42.65 -7.83 9.24
C ALA A 419 42.69 -7.73 7.72
N SER A 420 42.25 -8.80 7.01
CA SER A 420 42.23 -8.89 5.56
C SER A 420 40.96 -9.59 5.05
N ILE A 421 40.17 -8.87 4.24
CA ILE A 421 38.95 -9.37 3.62
C ILE A 421 39.27 -10.42 2.56
N GLU A 422 40.41 -10.25 1.84
CA GLU A 422 40.82 -11.24 0.84
C GLU A 422 41.23 -12.55 1.50
N GLU A 423 41.86 -12.46 2.67
CA GLU A 423 42.28 -13.68 3.38
C GLU A 423 41.07 -14.31 4.06
N LEU A 424 40.08 -13.50 4.46
CA LEU A 424 38.85 -14.02 5.10
C LEU A 424 38.07 -14.87 4.09
N LYS A 425 38.03 -14.46 2.83
CA LYS A 425 37.32 -15.22 1.78
C LYS A 425 38.08 -16.53 1.51
N LYS A 426 39.40 -16.48 1.52
CA LYS A 426 40.25 -17.68 1.33
C LYS A 426 39.92 -18.71 2.43
N GLU A 427 39.87 -18.28 3.69
CA GLU A 427 39.51 -19.16 4.81
C GLU A 427 38.11 -19.75 4.65
N GLY A 428 37.13 -18.92 4.28
CA GLY A 428 35.74 -19.30 4.09
C GLY A 428 35.01 -19.83 5.31
N LEU A 429 34.43 -21.02 5.20
CA LEU A 429 33.72 -21.63 6.32
C LEU A 429 34.67 -22.08 7.45
N GLN A 430 35.93 -22.40 7.10
CA GLN A 430 36.93 -22.79 8.09
C GLN A 430 37.17 -21.70 9.13
N PHE A 431 36.94 -20.43 8.78
CA PHE A 431 37.13 -19.31 9.68
C PHE A 431 36.13 -19.39 10.85
N ALA A 432 34.88 -19.81 10.56
CA ALA A 432 33.85 -19.90 11.59
C ALA A 432 34.11 -21.04 12.54
N SER A 433 34.63 -22.17 12.03
CA SER A 433 34.98 -23.34 12.82
C SER A 433 36.19 -23.06 13.71
N LYS A 434 37.20 -22.32 13.19
CA LYS A 434 38.40 -21.94 13.94
C LYS A 434 38.13 -20.74 14.88
N ILE A 435 36.93 -20.71 15.53
CA ILE A 435 36.53 -19.63 16.44
C ILE A 435 35.62 -20.16 17.53
N SER B 3 10.84 29.25 17.87
CA SER B 3 9.48 29.03 17.39
C SER B 3 9.37 29.09 15.86
N GLU B 4 10.22 29.91 15.20
CA GLU B 4 10.17 30.00 13.75
C GLU B 4 11.09 28.95 13.18
N LYS B 5 10.60 28.12 12.26
CA LYS B 5 11.43 27.08 11.67
C LYS B 5 12.03 27.59 10.36
N HIS B 6 13.19 27.03 9.96
CA HIS B 6 13.86 27.45 8.73
C HIS B 6 14.29 26.26 7.90
N PHE B 7 13.87 26.24 6.63
CA PHE B 7 14.16 25.17 5.69
C PHE B 7 14.66 25.74 4.38
N LYS B 8 15.61 25.06 3.72
CA LYS B 8 16.07 25.53 2.41
C LYS B 8 14.92 25.34 1.40
N TYR B 9 14.28 24.17 1.42
CA TYR B 9 13.16 23.92 0.52
C TYR B 9 11.86 23.72 1.27
N VAL B 10 10.82 24.46 0.87
CA VAL B 10 9.50 24.27 1.47
C VAL B 10 8.44 23.92 0.43
N ILE B 11 7.80 22.75 0.62
CA ILE B 11 6.68 22.34 -0.21
C ILE B 11 5.39 22.69 0.57
N LEU B 12 4.52 23.48 -0.01
CA LEU B 12 3.26 23.88 0.61
C LEU B 12 2.15 23.05 -0.01
N GLY B 13 1.65 22.12 0.78
CA GLY B 13 0.64 21.15 0.41
C GLY B 13 1.18 19.75 0.64
N GLY B 14 0.28 18.80 0.84
CA GLY B 14 0.69 17.42 1.08
C GLY B 14 -0.04 16.40 0.25
N GLY B 15 -0.17 16.67 -1.04
CA GLY B 15 -0.88 15.78 -1.93
C GLY B 15 0.00 15.01 -2.90
N VAL B 16 -0.56 14.69 -4.06
CA VAL B 16 0.17 13.91 -5.05
C VAL B 16 1.42 14.62 -5.53
N ALA B 17 1.29 15.89 -5.92
CA ALA B 17 2.43 16.65 -6.38
C ALA B 17 3.52 16.79 -5.31
N ALA B 18 3.16 17.08 -4.06
CA ALA B 18 4.17 17.19 -2.99
C ALA B 18 4.91 15.89 -2.73
N GLY B 19 4.21 14.77 -2.74
CA GLY B 19 4.80 13.46 -2.51
C GLY B 19 5.75 13.01 -3.59
N TYR B 20 5.44 13.36 -4.85
CA TYR B 20 6.30 13.04 -5.99
C TYR B 20 7.51 13.96 -6.05
N ALA B 21 7.36 15.21 -5.59
CA ALA B 21 8.44 16.18 -5.50
C ALA B 21 9.42 15.69 -4.42
N ALA B 22 8.90 15.20 -3.27
CA ALA B 22 9.68 14.62 -2.18
C ALA B 22 10.53 13.43 -2.67
N ARG B 23 9.97 12.58 -3.55
CA ARG B 23 10.73 11.46 -4.10
C ARG B 23 11.84 11.97 -5.03
N GLU B 24 11.52 12.99 -5.84
CA GLU B 24 12.51 13.57 -6.73
C GLU B 24 13.65 14.24 -5.93
N PHE B 25 13.32 14.96 -4.85
CA PHE B 25 14.30 15.59 -3.95
C PHE B 25 15.26 14.53 -3.38
N ALA B 26 14.71 13.40 -2.91
CA ALA B 26 15.49 12.30 -2.37
C ALA B 26 16.40 11.68 -3.44
N LYS B 27 15.91 11.60 -4.69
CA LYS B 27 16.66 11.06 -5.83
C LYS B 27 17.79 12.01 -6.20
N GLN B 28 17.54 13.32 -6.12
CA GLN B 28 18.54 14.36 -6.39
C GLN B 28 19.54 14.57 -5.24
N GLY B 29 19.47 13.76 -4.19
CA GLY B 29 20.36 13.87 -3.04
C GLY B 29 20.04 14.99 -2.07
N VAL B 30 18.79 15.07 -1.63
CA VAL B 30 18.41 16.09 -0.64
C VAL B 30 19.02 15.66 0.72
N LYS B 31 19.57 16.62 1.46
CA LYS B 31 20.24 16.33 2.74
C LYS B 31 19.29 16.54 3.91
N PRO B 32 19.49 15.77 5.00
CA PRO B 32 18.60 15.94 6.17
C PRO B 32 18.54 17.38 6.67
N GLY B 33 17.32 17.83 6.94
CA GLY B 33 17.04 19.18 7.42
C GLY B 33 16.75 20.18 6.32
N GLU B 34 17.12 19.87 5.07
CA GLU B 34 16.90 20.79 3.95
C GLU B 34 15.47 20.94 3.53
N LEU B 35 14.67 19.85 3.53
CA LEU B 35 13.31 19.94 2.98
C LEU B 35 12.18 19.77 4.00
N ALA B 36 11.16 20.63 3.89
CA ALA B 36 9.95 20.45 4.69
C ALA B 36 8.74 20.45 3.79
N ILE B 37 7.68 19.74 4.21
CA ILE B 37 6.40 19.63 3.50
C ILE B 37 5.31 20.04 4.49
N ILE B 38 4.61 21.14 4.26
CA ILE B 38 3.56 21.59 5.20
C ILE B 38 2.18 21.22 4.66
N SER B 39 1.42 20.40 5.41
CA SER B 39 0.10 19.98 4.95
C SER B 39 -0.95 20.06 6.01
N LYS B 40 -2.16 20.49 5.63
CA LYS B 40 -3.29 20.55 6.55
C LYS B 40 -3.89 19.17 6.85
N GLU B 41 -3.57 18.15 6.04
CA GLU B 41 -4.06 16.79 6.28
C GLU B 41 -3.26 16.16 7.38
N ALA B 42 -3.87 15.19 8.06
CA ALA B 42 -3.28 14.47 9.16
C ALA B 42 -2.43 13.26 8.72
N VAL B 43 -2.29 13.02 7.42
CA VAL B 43 -1.57 11.86 6.90
C VAL B 43 -0.54 12.29 5.85
N ALA B 44 0.46 11.44 5.60
CA ALA B 44 1.46 11.68 4.57
C ALA B 44 0.82 11.61 3.19
N PRO B 45 1.44 12.30 2.19
CA PRO B 45 0.94 12.22 0.79
C PRO B 45 0.48 10.85 0.31
N TYR B 46 -0.69 10.79 -0.33
CA TYR B 46 -1.28 9.54 -0.81
C TYR B 46 -1.85 9.72 -2.22
N GLU B 47 -2.09 8.61 -2.90
CA GLU B 47 -2.62 8.65 -4.25
C GLU B 47 -4.09 8.96 -4.21
N ARG B 48 -4.40 10.26 -4.28
CA ARG B 48 -5.74 10.83 -4.26
C ARG B 48 -6.75 10.09 -5.17
N PRO B 49 -6.43 9.69 -6.44
CA PRO B 49 -7.41 8.94 -7.24
C PRO B 49 -8.03 7.69 -6.58
N ALA B 50 -7.36 7.06 -5.58
CA ALA B 50 -7.89 5.85 -4.89
C ALA B 50 -9.13 6.10 -4.03
N LEU B 51 -9.35 7.36 -3.61
CA LEU B 51 -10.48 7.77 -2.76
C LEU B 51 -11.86 7.52 -3.35
N SER B 52 -12.03 7.63 -4.66
CA SER B 52 -13.31 7.33 -5.32
C SER B 52 -13.31 5.95 -5.98
N LYS B 53 -12.26 5.15 -5.77
CA LYS B 53 -12.13 3.82 -6.36
C LYS B 53 -12.07 2.79 -5.19
N GLY B 54 -10.90 2.23 -4.93
CA GLY B 54 -10.71 1.24 -3.87
C GLY B 54 -11.08 1.66 -2.46
N TYR B 55 -10.95 2.94 -2.10
CA TYR B 55 -11.30 3.39 -0.75
C TYR B 55 -12.78 3.09 -0.42
N LEU B 56 -13.62 3.10 -1.42
CA LEU B 56 -15.06 2.91 -1.22
C LEU B 56 -15.48 1.46 -1.42
N PHE B 57 -14.55 0.53 -1.51
CA PHE B 57 -14.95 -0.89 -1.70
C PHE B 57 -15.69 -1.39 -0.45
N PRO B 58 -16.76 -2.19 -0.61
CA PRO B 58 -17.52 -2.71 0.52
C PRO B 58 -16.72 -3.70 1.39
N GLN B 59 -15.75 -4.38 0.79
CA GLN B 59 -14.85 -5.31 1.51
C GLN B 59 -13.48 -5.20 0.86
N ASN B 60 -12.43 -5.39 1.64
CA ASN B 60 -11.04 -5.30 1.18
C ASN B 60 -10.77 -3.97 0.49
N ALA B 61 -11.21 -2.89 1.11
CA ALA B 61 -11.04 -1.57 0.55
C ALA B 61 -9.61 -1.08 0.75
N ALA B 62 -9.16 -0.13 -0.09
CA ALA B 62 -7.87 0.52 0.03
C ALA B 62 -7.92 1.36 1.30
N ARG B 63 -6.82 1.34 2.06
CA ARG B 63 -6.68 2.05 3.32
C ARG B 63 -5.22 2.46 3.43
N LEU B 64 -4.95 3.61 4.05
CA LEU B 64 -3.57 4.00 4.32
C LEU B 64 -2.99 3.06 5.39
N PRO B 65 -1.71 2.69 5.33
CA PRO B 65 -0.67 3.23 4.45
C PRO B 65 -0.47 2.54 3.10
N GLY B 66 -1.46 1.80 2.65
CA GLY B 66 -1.36 1.09 1.37
C GLY B 66 -1.24 1.93 0.12
N PHE B 67 -1.96 3.08 0.07
CA PHE B 67 -1.91 3.88 -1.16
C PHE B 67 -1.20 5.20 -1.02
N HIS B 68 -0.18 5.27 -0.13
CA HIS B 68 0.69 6.45 -0.08
C HIS B 68 1.47 6.49 -1.41
N VAL B 69 1.84 7.68 -1.88
CA VAL B 69 2.68 7.83 -3.06
C VAL B 69 4.02 7.09 -2.76
N CYS B 70 4.65 6.46 -3.76
CA CYS B 70 4.33 6.56 -5.16
C CYS B 70 3.78 5.27 -5.75
N VAL B 71 3.01 4.47 -4.97
CA VAL B 71 2.47 3.18 -5.45
C VAL B 71 1.55 3.27 -6.70
N GLY B 72 0.88 4.41 -6.90
CA GLY B 72 -0.04 4.62 -8.01
C GLY B 72 0.61 4.70 -9.38
N SER B 73 1.91 4.97 -9.40
CA SER B 73 2.66 5.05 -10.66
C SER B 73 3.71 3.94 -10.77
N GLY B 74 3.67 2.95 -9.89
CA GLY B 74 4.65 1.88 -9.90
C GLY B 74 5.90 2.32 -9.18
N GLY B 75 5.72 2.90 -8.00
CA GLY B 75 6.81 3.35 -7.16
C GLY B 75 6.70 2.80 -5.75
N GLU B 76 7.74 3.03 -4.96
CA GLU B 76 7.76 2.57 -3.58
C GLU B 76 6.84 3.40 -2.69
N ARG B 77 6.35 2.80 -1.61
CA ARG B 77 5.46 3.47 -0.67
C ARG B 77 6.22 4.44 0.23
N GLN B 78 5.72 5.67 0.41
CA GLN B 78 6.34 6.64 1.30
C GLN B 78 5.49 6.85 2.52
N LEU B 79 5.70 6.01 3.51
CA LEU B 79 5.03 6.10 4.80
C LEU B 79 5.69 7.27 5.58
N PRO B 80 5.12 7.78 6.69
CA PRO B 80 5.78 8.87 7.43
C PRO B 80 7.27 8.62 7.72
N GLU B 81 7.62 7.36 8.04
CA GLU B 81 8.96 6.88 8.35
C GLU B 81 9.95 7.12 7.23
N TRP B 82 9.50 7.04 5.96
CA TRP B 82 10.34 7.30 4.79
C TRP B 82 10.87 8.73 4.86
N TYR B 83 10.02 9.68 5.26
CA TYR B 83 10.38 11.08 5.38
C TYR B 83 11.35 11.36 6.53
N SER B 84 11.06 10.87 7.74
CA SER B 84 11.89 11.14 8.88
C SER B 84 13.26 10.48 8.79
N GLU B 85 13.33 9.25 8.23
CA GLU B 85 14.59 8.52 8.02
C GLU B 85 15.54 9.26 7.05
N LYS B 86 14.97 10.12 6.17
CA LYS B 86 15.71 10.90 5.18
C LYS B 86 16.00 12.35 5.61
N GLY B 87 15.38 12.75 6.71
CA GLY B 87 15.54 14.14 7.17
C GLY B 87 14.59 15.05 6.45
N ILE B 88 13.50 14.52 5.91
CA ILE B 88 12.47 15.41 5.28
C ILE B 88 11.42 15.71 6.35
N GLU B 89 11.17 16.98 6.62
CA GLU B 89 10.21 17.35 7.69
C GLU B 89 8.79 17.41 7.17
N LEU B 90 8.01 16.40 7.53
CA LEU B 90 6.59 16.32 7.18
C LEU B 90 5.81 16.97 8.31
N ILE B 91 5.37 18.20 8.09
CA ILE B 91 4.60 18.99 9.09
C ILE B 91 3.10 18.83 8.80
N LEU B 92 2.48 17.85 9.44
CA LEU B 92 1.09 17.51 9.25
C LEU B 92 0.10 18.27 10.14
N SER B 93 -1.17 18.27 9.71
CA SER B 93 -2.31 18.95 10.34
C SER B 93 -1.98 20.43 10.54
N THR B 94 -1.25 21.03 9.60
CA THR B 94 -0.82 22.41 9.69
C THR B 94 -1.31 23.19 8.50
N GLU B 95 -2.37 23.98 8.69
CA GLU B 95 -2.90 24.77 7.60
C GLU B 95 -2.18 26.10 7.56
N ILE B 96 -1.68 26.48 6.37
CA ILE B 96 -1.06 27.79 6.22
C ILE B 96 -2.16 28.75 5.82
N VAL B 97 -2.32 29.84 6.57
CA VAL B 97 -3.35 30.86 6.32
C VAL B 97 -2.80 32.18 5.77
N LYS B 98 -1.48 32.36 5.77
CA LYS B 98 -0.86 33.56 5.21
C LYS B 98 0.48 33.18 4.60
N ALA B 99 0.71 33.61 3.37
CA ALA B 99 1.99 33.35 2.71
C ALA B 99 2.57 34.68 2.27
N ASP B 100 3.76 35.02 2.77
CA ASP B 100 4.40 36.28 2.41
C ASP B 100 5.60 36.03 1.51
N LEU B 101 5.43 36.18 0.20
CA LEU B 101 6.52 35.93 -0.75
C LEU B 101 7.69 36.93 -0.64
N SER B 102 7.44 38.09 -0.04
CA SER B 102 8.42 39.16 0.14
C SER B 102 9.40 38.82 1.25
N THR B 103 8.90 38.28 2.37
CA THR B 103 9.79 37.86 3.44
C THR B 103 10.08 36.37 3.44
N LYS B 104 9.51 35.60 2.47
CA LYS B 104 9.64 34.16 2.36
C LYS B 104 9.18 33.49 3.67
N THR B 105 8.04 33.97 4.21
CA THR B 105 7.51 33.45 5.46
C THR B 105 6.10 32.90 5.29
N LEU B 106 5.86 31.74 5.90
CA LEU B 106 4.57 31.07 5.87
C LEU B 106 4.09 31.02 7.31
N THR B 107 2.83 31.35 7.54
CA THR B 107 2.27 31.35 8.90
C THR B 107 1.07 30.42 9.03
N SER B 108 1.14 29.45 9.95
CA SER B 108 0.05 28.51 10.21
C SER B 108 -1.15 29.19 10.88
N ALA B 109 -2.31 28.53 10.86
CA ALA B 109 -3.54 29.02 11.49
C ALA B 109 -3.34 29.34 12.99
N ALA B 110 -2.38 28.65 13.63
CA ALA B 110 -2.00 28.81 15.03
C ALA B 110 -0.79 29.77 15.21
N GLY B 111 -0.56 30.67 14.25
CA GLY B 111 0.50 31.67 14.31
C GLY B 111 1.95 31.22 14.19
N ALA B 112 2.23 29.91 14.13
CA ALA B 112 3.60 29.42 13.96
C ALA B 112 4.16 29.88 12.60
N THR B 113 5.46 30.14 12.52
CA THR B 113 6.07 30.64 11.29
C THR B 113 7.14 29.75 10.76
N PHE B 114 7.32 29.78 9.43
CA PHE B 114 8.30 28.97 8.70
C PHE B 114 8.91 29.78 7.57
N THR B 115 10.23 29.68 7.35
CA THR B 115 10.87 30.38 6.24
C THR B 115 11.34 29.40 5.16
N TYR B 116 11.60 29.90 3.94
CA TYR B 116 12.10 29.04 2.87
C TYR B 116 13.12 29.78 1.98
N GLU B 117 13.94 29.02 1.26
CA GLU B 117 14.80 29.59 0.23
C GLU B 117 14.05 29.35 -1.12
N ILE B 118 13.53 28.12 -1.32
CA ILE B 118 12.68 27.79 -2.46
C ILE B 118 11.30 27.34 -1.96
N LEU B 119 10.21 27.88 -2.55
CA LEU B 119 8.85 27.47 -2.22
C LEU B 119 8.27 26.72 -3.41
N ILE B 120 7.64 25.58 -3.16
CA ILE B 120 6.92 24.85 -4.19
C ILE B 120 5.46 24.80 -3.74
N ILE B 121 4.60 25.55 -4.42
CA ILE B 121 3.17 25.62 -4.17
C ILE B 121 2.51 24.42 -4.82
N ALA B 122 2.00 23.49 -4.01
CA ALA B 122 1.32 22.28 -4.48
C ALA B 122 0.05 22.12 -3.64
N THR B 123 -0.75 23.19 -3.61
CA THR B 123 -1.98 23.31 -2.81
C THR B 123 -3.22 22.62 -3.38
N GLY B 124 -3.14 22.18 -4.63
CA GLY B 124 -4.21 21.47 -5.30
C GLY B 124 -5.44 22.28 -5.56
N SER B 125 -6.59 21.63 -5.48
CA SER B 125 -7.89 22.26 -5.70
C SER B 125 -8.79 22.06 -4.49
N SER B 126 -9.67 23.01 -4.21
CA SER B 126 -10.64 22.82 -3.13
C SER B 126 -11.97 22.40 -3.76
N VAL B 127 -12.79 21.66 -3.03
CA VAL B 127 -14.06 21.14 -3.60
C VAL B 127 -15.15 22.20 -3.64
N ILE B 128 -15.88 22.24 -4.74
CA ILE B 128 -17.02 23.17 -4.91
C ILE B 128 -18.20 22.53 -4.16
N LYS B 129 -18.84 23.30 -3.30
CA LYS B 129 -19.99 22.84 -2.54
C LYS B 129 -21.27 23.52 -2.97
N LEU B 130 -22.41 22.84 -2.81
CA LEU B 130 -23.72 23.44 -3.11
C LEU B 130 -23.98 24.62 -2.13
N THR B 131 -23.43 24.57 -0.90
CA THR B 131 -23.52 25.70 0.01
C THR B 131 -22.84 26.96 -0.53
N ASP B 132 -21.85 26.83 -1.45
CA ASP B 132 -21.16 27.97 -2.08
C ASP B 132 -22.10 28.77 -2.93
N PHE B 133 -23.05 28.07 -3.61
CA PHE B 133 -24.08 28.66 -4.47
C PHE B 133 -25.27 29.27 -3.69
N GLY B 134 -25.36 29.00 -2.38
CA GLY B 134 -26.48 29.44 -1.57
C GLY B 134 -27.70 28.53 -1.69
N THR B 135 -27.50 27.27 -2.16
CA THR B 135 -28.56 26.27 -2.33
C THR B 135 -29.31 26.04 -1.03
N GLN B 136 -30.64 26.14 -1.06
CA GLN B 136 -31.46 25.96 0.13
C GLN B 136 -31.30 24.54 0.69
N GLY B 137 -30.94 24.45 1.97
CA GLY B 137 -30.79 23.17 2.65
C GLY B 137 -29.56 22.36 2.31
N ALA B 138 -28.66 22.90 1.49
CA ALA B 138 -27.42 22.21 1.12
C ALA B 138 -26.47 21.93 2.28
N ASP B 139 -26.72 22.54 3.45
CA ASP B 139 -25.93 22.37 4.67
C ASP B 139 -26.40 21.22 5.56
N SER B 140 -27.41 20.47 5.12
CA SER B 140 -27.96 19.35 5.85
C SER B 140 -26.94 18.24 5.99
N ASN B 141 -27.04 17.48 7.09
CA ASN B 141 -26.14 16.34 7.31
C ASN B 141 -26.34 15.29 6.25
N ASN B 142 -25.29 14.52 5.96
CA ASN B 142 -25.30 13.44 4.98
C ASN B 142 -25.34 13.95 3.54
N ILE B 143 -25.01 15.26 3.30
CA ILE B 143 -24.80 15.85 2.00
C ILE B 143 -23.28 15.93 1.98
N LEU B 144 -22.66 15.01 1.25
CA LEU B 144 -21.24 14.76 1.28
C LEU B 144 -20.45 15.05 0.02
N TYR B 145 -19.16 15.37 0.21
CA TYR B 145 -18.18 15.70 -0.82
C TYR B 145 -17.01 14.74 -0.80
N LEU B 146 -16.23 14.72 -1.90
CA LEU B 146 -15.07 13.84 -1.96
C LEU B 146 -13.87 14.50 -2.62
N ARG B 147 -12.91 14.91 -1.79
CA ARG B 147 -11.69 15.50 -2.24
C ARG B 147 -10.54 14.88 -1.43
N GLU B 148 -10.66 14.88 -0.11
CA GLU B 148 -9.61 14.40 0.77
C GLU B 148 -9.99 13.16 1.55
N ILE B 149 -9.00 12.54 2.21
CA ILE B 149 -9.24 11.30 2.91
C ILE B 149 -10.21 11.46 4.08
N ASP B 150 -10.30 12.66 4.68
CA ASP B 150 -11.26 12.87 5.77
C ASP B 150 -12.68 12.84 5.19
N ASP B 151 -12.88 13.40 3.97
CA ASP B 151 -14.15 13.32 3.27
C ASP B 151 -14.47 11.87 2.95
N ALA B 152 -13.46 11.06 2.55
CA ALA B 152 -13.64 9.65 2.23
C ALA B 152 -14.09 8.84 3.42
N ASP B 153 -13.51 9.10 4.61
CA ASP B 153 -13.92 8.42 5.83
C ASP B 153 -15.34 8.81 6.25
N LYS B 154 -15.75 10.06 6.00
CA LYS B 154 -17.08 10.56 6.32
C LYS B 154 -18.12 9.85 5.41
N LEU B 155 -17.75 9.61 4.15
CA LEU B 155 -18.54 8.94 3.15
C LEU B 155 -18.62 7.45 3.44
N VAL B 156 -17.50 6.83 3.82
CA VAL B 156 -17.46 5.42 4.19
C VAL B 156 -18.34 5.19 5.47
N ALA B 157 -18.26 6.11 6.46
CA ALA B 157 -19.07 6.04 7.68
C ALA B 157 -20.57 6.19 7.36
N ALA B 158 -20.93 7.11 6.44
CA ALA B 158 -22.33 7.27 6.04
C ALA B 158 -22.82 6.11 5.18
N ILE B 159 -21.91 5.41 4.53
CA ILE B 159 -22.30 4.22 3.71
C ILE B 159 -22.64 3.11 4.68
N GLN B 160 -21.90 2.98 5.76
CA GLN B 160 -22.21 1.95 6.80
C GLN B 160 -23.47 2.35 7.58
N ALA B 161 -23.68 3.63 7.85
CA ALA B 161 -24.83 4.12 8.64
C ALA B 161 -26.15 4.07 7.87
N LYS B 162 -26.14 4.31 6.57
CA LYS B 162 -27.36 4.29 5.76
C LYS B 162 -27.48 3.07 4.86
N LYS B 163 -26.74 1.98 5.18
CA LYS B 163 -26.71 0.71 4.46
C LYS B 163 -28.07 0.29 3.84
N GLY B 164 -28.09 0.05 2.52
CA GLY B 164 -29.30 -0.33 1.81
C GLY B 164 -30.34 0.76 1.64
N GLY B 165 -29.91 2.01 1.78
CA GLY B 165 -30.80 3.16 1.63
C GLY B 165 -30.77 3.77 0.25
N LYS B 166 -31.19 5.04 0.14
CA LYS B 166 -31.26 5.79 -1.10
C LYS B 166 -30.17 6.80 -1.19
N ALA B 167 -29.39 6.72 -2.27
CA ALA B 167 -28.34 7.69 -2.51
C ALA B 167 -28.71 8.50 -3.72
N VAL B 168 -28.51 9.81 -3.64
CA VAL B 168 -28.67 10.66 -4.80
C VAL B 168 -27.28 11.26 -5.06
N VAL B 169 -26.75 11.11 -6.26
CA VAL B 169 -25.47 11.68 -6.64
C VAL B 169 -25.71 12.88 -7.52
N VAL B 170 -25.22 14.02 -7.08
CA VAL B 170 -25.36 15.25 -7.82
C VAL B 170 -24.10 15.49 -8.67
N GLY B 171 -24.23 15.51 -9.99
CA GLY B 171 -23.10 15.72 -10.88
C GLY B 171 -22.94 14.61 -11.91
N GLY B 172 -22.59 14.99 -13.12
CA GLY B 172 -22.44 14.04 -14.21
C GLY B 172 -21.06 13.89 -14.80
N GLY B 173 -20.06 14.47 -14.14
CA GLY B 173 -18.67 14.30 -14.52
C GLY B 173 -18.16 12.93 -14.07
N TYR B 174 -16.85 12.71 -14.10
CA TYR B 174 -16.29 11.41 -13.72
C TYR B 174 -16.36 11.15 -12.24
N ILE B 175 -16.39 12.20 -11.41
CA ILE B 175 -16.54 12.00 -9.97
C ILE B 175 -17.96 11.47 -9.70
N GLY B 176 -18.96 12.03 -10.36
CA GLY B 176 -20.33 11.56 -10.23
C GLY B 176 -20.48 10.14 -10.75
N LEU B 177 -19.74 9.79 -11.79
CA LEU B 177 -19.77 8.46 -12.37
C LEU B 177 -19.15 7.47 -11.40
N GLU B 178 -17.99 7.80 -10.87
CA GLU B 178 -17.29 6.93 -9.93
C GLU B 178 -18.03 6.82 -8.63
N LEU B 179 -18.64 7.91 -8.15
CA LEU B 179 -19.40 7.88 -6.91
C LEU B 179 -20.69 7.07 -7.07
N SER B 180 -21.36 7.19 -8.23
CA SER B 180 -22.57 6.40 -8.49
C SER B 180 -22.25 4.92 -8.50
N ALA B 181 -21.12 4.56 -9.13
CA ALA B 181 -20.72 3.18 -9.21
C ALA B 181 -20.38 2.63 -7.82
N ALA B 182 -19.65 3.43 -7.03
CA ALA B 182 -19.26 3.07 -5.68
C ALA B 182 -20.46 2.85 -4.77
N LEU B 183 -21.47 3.72 -4.83
CA LEU B 183 -22.66 3.54 -4.00
C LEU B 183 -23.46 2.36 -4.45
N LYS B 184 -23.50 2.05 -5.77
CA LYS B 184 -24.24 0.90 -6.27
C LYS B 184 -23.61 -0.39 -5.79
N ILE B 185 -22.26 -0.53 -5.87
CA ILE B 185 -21.59 -1.75 -5.38
C ILE B 185 -21.73 -1.90 -3.86
N ASN B 186 -21.96 -0.80 -3.15
CA ASN B 186 -22.23 -0.80 -1.73
C ASN B 186 -23.74 -1.02 -1.47
N ASP B 187 -24.50 -1.57 -2.45
CA ASP B 187 -25.91 -1.93 -2.33
C ASP B 187 -26.83 -0.75 -1.90
N PHE B 188 -26.73 0.37 -2.62
CA PHE B 188 -27.65 1.47 -2.43
C PHE B 188 -28.54 1.56 -3.66
N ASP B 189 -29.73 2.13 -3.48
CA ASP B 189 -30.63 2.50 -4.57
C ASP B 189 -29.99 3.84 -4.98
N VAL B 190 -29.37 3.90 -6.17
CA VAL B 190 -28.63 5.10 -6.64
C VAL B 190 -29.32 5.89 -7.78
N THR B 191 -29.45 7.22 -7.65
CA THR B 191 -29.99 8.07 -8.73
C THR B 191 -28.98 9.19 -8.97
N MET B 192 -28.51 9.39 -10.23
CA MET B 192 -27.59 10.51 -10.49
C MET B 192 -28.32 11.60 -11.27
N VAL B 193 -28.10 12.85 -10.86
CA VAL B 193 -28.77 14.00 -11.48
C VAL B 193 -27.73 14.97 -12.00
N PHE B 194 -27.92 15.44 -13.24
CA PHE B 194 -27.01 16.42 -13.90
C PHE B 194 -27.72 17.09 -15.10
N PRO B 195 -27.40 18.36 -15.39
CA PRO B 195 -28.16 19.06 -16.43
C PRO B 195 -27.80 18.77 -17.88
N GLU B 196 -26.56 18.41 -18.21
CA GLU B 196 -26.13 18.16 -19.58
C GLU B 196 -26.86 16.99 -20.28
N PRO B 197 -26.91 16.98 -21.64
CA PRO B 197 -27.60 15.89 -22.34
C PRO B 197 -26.87 14.55 -22.42
N TRP B 198 -25.70 14.45 -21.79
CA TRP B 198 -24.95 13.22 -21.65
C TRP B 198 -23.84 13.40 -20.58
N CYS B 199 -23.38 12.30 -20.01
CA CYS B 199 -22.36 12.30 -18.96
C CYS B 199 -20.96 12.60 -19.49
N MET B 200 -20.13 13.10 -18.58
CA MET B 200 -18.74 13.55 -18.84
C MET B 200 -18.71 14.38 -20.10
N PRO B 201 -19.52 15.47 -20.17
CA PRO B 201 -19.65 16.33 -21.34
C PRO B 201 -18.38 17.11 -21.74
N ARG B 202 -17.43 17.26 -20.84
CA ARG B 202 -16.16 17.93 -21.17
C ARG B 202 -15.28 16.97 -22.00
N LEU B 203 -15.47 15.65 -21.89
CA LEU B 203 -14.66 14.74 -22.71
C LEU B 203 -15.46 13.78 -23.62
N PHE B 204 -16.41 13.03 -23.05
CA PHE B 204 -17.19 12.06 -23.80
C PHE B 204 -17.98 12.71 -24.93
N THR B 205 -18.11 12.00 -26.03
CA THR B 205 -18.99 12.39 -27.11
C THR B 205 -20.37 11.74 -26.75
N ALA B 206 -21.45 12.08 -27.47
CA ALA B 206 -22.77 11.46 -27.25
C ALA B 206 -22.68 9.93 -27.40
N ASP B 207 -21.84 9.44 -28.36
CA ASP B 207 -21.66 7.99 -28.59
C ASP B 207 -20.94 7.29 -27.45
N ILE B 208 -19.84 7.87 -26.92
CA ILE B 208 -19.12 7.30 -25.78
C ILE B 208 -20.01 7.33 -24.55
N ALA B 209 -20.68 8.48 -24.27
CA ALA B 209 -21.55 8.56 -23.11
C ALA B 209 -22.67 7.52 -23.11
N ALA B 210 -23.26 7.22 -24.26
CA ALA B 210 -24.36 6.27 -24.42
C ALA B 210 -23.99 4.88 -23.94
N PHE B 211 -22.70 4.52 -24.02
CA PHE B 211 -22.22 3.23 -23.57
C PHE B 211 -22.29 3.22 -22.06
N TYR B 212 -21.74 4.25 -21.40
CA TYR B 212 -21.69 4.34 -19.95
C TYR B 212 -23.04 4.43 -19.35
N GLU B 213 -23.94 5.24 -19.95
CA GLU B 213 -25.30 5.36 -19.46
C GLU B 213 -26.04 4.01 -19.52
N ALA B 214 -25.97 3.31 -20.65
CA ALA B 214 -26.62 2.01 -20.78
C ALA B 214 -26.02 1.01 -19.81
N TYR B 215 -24.70 1.01 -19.66
CA TYR B 215 -24.02 0.12 -18.74
C TYR B 215 -24.46 0.41 -17.30
N TYR B 216 -24.52 1.69 -16.91
CA TYR B 216 -24.91 2.09 -15.56
C TYR B 216 -26.35 1.74 -15.30
N THR B 217 -27.23 1.90 -16.29
CA THR B 217 -28.64 1.55 -16.21
C THR B 217 -28.75 0.05 -15.98
N ASN B 218 -27.99 -0.76 -16.75
CA ASN B 218 -27.96 -2.22 -16.58
C ASN B 218 -27.55 -2.57 -15.14
N LYS B 219 -26.53 -1.87 -14.58
CA LYS B 219 -26.09 -2.03 -13.20
C LYS B 219 -27.10 -1.58 -12.12
N GLY B 220 -28.22 -1.00 -12.53
CA GLY B 220 -29.24 -0.54 -11.60
C GLY B 220 -29.20 0.93 -11.28
N VAL B 221 -28.27 1.68 -11.85
CA VAL B 221 -28.19 3.12 -11.59
C VAL B 221 -29.24 3.89 -12.41
N LYS B 222 -29.96 4.78 -11.75
CA LYS B 222 -30.96 5.61 -12.39
C LYS B 222 -30.32 6.92 -12.85
N VAL B 223 -30.10 7.05 -14.15
CA VAL B 223 -29.49 8.24 -14.73
C VAL B 223 -30.53 9.29 -15.12
N LEU B 224 -30.57 10.38 -14.38
CA LEU B 224 -31.54 11.47 -14.67
C LEU B 224 -30.83 12.65 -15.32
N LYS B 225 -30.80 12.68 -16.64
CA LYS B 225 -30.17 13.78 -17.40
C LYS B 225 -31.14 14.95 -17.49
N GLY B 226 -30.61 16.13 -17.80
CA GLY B 226 -31.39 17.36 -17.94
C GLY B 226 -32.11 17.76 -16.66
N THR B 227 -31.63 17.29 -15.51
CA THR B 227 -32.18 17.65 -14.21
C THR B 227 -31.14 18.45 -13.41
N LEU B 228 -31.56 19.06 -12.29
CA LEU B 228 -30.67 19.89 -11.50
C LEU B 228 -31.14 19.90 -10.08
N ALA B 229 -30.22 19.71 -9.12
CA ALA B 229 -30.61 19.77 -7.72
C ALA B 229 -30.62 21.27 -7.31
N VAL B 230 -31.80 21.81 -6.93
CA VAL B 230 -31.98 23.21 -6.52
C VAL B 230 -32.34 23.39 -5.02
N GLY B 231 -32.53 22.29 -4.30
CA GLY B 231 -32.90 22.34 -2.90
C GLY B 231 -32.88 21.01 -2.23
N PHE B 232 -33.08 20.99 -0.92
CA PHE B 232 -33.08 19.79 -0.10
C PHE B 232 -34.02 19.92 1.06
N ASP B 233 -34.62 18.79 1.47
CA ASP B 233 -35.46 18.70 2.65
C ASP B 233 -34.62 18.03 3.74
N ALA B 234 -34.86 18.39 5.00
CA ALA B 234 -34.15 17.79 6.11
C ALA B 234 -35.15 17.31 7.20
N ASN B 235 -34.71 16.38 8.05
CA ASN B 235 -35.57 15.93 9.15
C ASN B 235 -35.34 16.92 10.36
N ALA B 236 -35.89 16.60 11.55
CA ALA B 236 -35.72 17.42 12.75
C ALA B 236 -34.23 17.52 13.18
N ASN B 237 -33.42 16.49 12.93
CA ASN B 237 -31.99 16.53 13.27
C ASN B 237 -31.14 17.36 12.26
N GLY B 238 -31.74 17.72 11.12
CA GLY B 238 -31.02 18.45 10.08
C GLY B 238 -30.38 17.53 9.05
N ASP B 239 -30.69 16.21 9.09
CA ASP B 239 -30.15 15.28 8.12
C ASP B 239 -30.97 15.38 6.85
N VAL B 240 -30.33 15.25 5.70
CA VAL B 240 -31.03 15.31 4.42
C VAL B 240 -32.01 14.15 4.32
N THR B 241 -33.20 14.43 3.80
CA THR B 241 -34.27 13.46 3.57
C THR B 241 -34.67 13.42 2.10
N ALA B 242 -34.46 14.51 1.35
CA ALA B 242 -34.86 14.56 -0.05
C ALA B 242 -34.10 15.63 -0.83
N VAL B 243 -34.02 15.45 -2.14
CA VAL B 243 -33.41 16.36 -3.08
C VAL B 243 -34.53 16.93 -3.97
N LYS B 244 -34.63 18.25 -4.00
CA LYS B 244 -35.56 18.99 -4.83
C LYS B 244 -34.92 19.26 -6.20
N LEU B 245 -35.61 18.89 -7.26
CA LEU B 245 -35.10 19.11 -8.61
C LEU B 245 -35.71 20.35 -9.25
N LYS B 246 -35.00 20.97 -10.21
CA LYS B 246 -35.48 22.17 -10.90
C LYS B 246 -36.90 22.06 -11.44
N ASP B 247 -37.31 20.85 -11.82
CA ASP B 247 -38.64 20.60 -12.36
C ASP B 247 -39.74 20.39 -11.29
N GLY B 248 -39.37 20.37 -10.02
CA GLY B 248 -40.31 20.19 -8.92
C GLY B 248 -40.37 18.77 -8.38
N LYS B 249 -39.63 17.83 -9.02
CA LYS B 249 -39.59 16.44 -8.60
C LYS B 249 -38.75 16.34 -7.34
N VAL B 250 -39.22 15.56 -6.37
CA VAL B 250 -38.53 15.39 -5.12
C VAL B 250 -38.10 13.93 -5.01
N LEU B 251 -36.78 13.67 -4.94
CA LEU B 251 -36.23 12.32 -4.82
C LEU B 251 -35.88 12.10 -3.35
N GLU B 252 -36.31 11.00 -2.71
CA GLU B 252 -35.92 10.77 -1.32
C GLU B 252 -34.48 10.33 -1.26
N ALA B 253 -33.79 10.71 -0.22
CA ALA B 253 -32.39 10.42 -0.05
C ALA B 253 -32.02 10.33 1.42
N ASP B 254 -31.27 9.30 1.73
CA ASP B 254 -30.64 9.13 3.06
C ASP B 254 -29.21 9.68 2.99
N ILE B 255 -28.68 9.78 1.78
CA ILE B 255 -27.29 10.24 1.57
C ILE B 255 -27.22 10.94 0.21
N VAL B 256 -26.56 12.08 0.19
CA VAL B 256 -26.38 12.85 -1.07
C VAL B 256 -24.86 12.99 -1.25
N VAL B 257 -24.36 12.55 -2.39
CA VAL B 257 -22.93 12.62 -2.65
C VAL B 257 -22.78 13.51 -3.90
N VAL B 258 -22.03 14.59 -3.76
CA VAL B 258 -21.96 15.63 -4.76
C VAL B 258 -20.59 15.70 -5.41
N GLY B 259 -20.61 15.77 -6.73
CA GLY B 259 -19.43 15.91 -7.56
C GLY B 259 -19.66 17.03 -8.54
N VAL B 260 -19.59 18.29 -8.06
CA VAL B 260 -19.83 19.44 -8.94
C VAL B 260 -18.53 20.22 -9.30
N GLY B 261 -17.39 19.56 -9.16
CA GLY B 261 -16.11 20.15 -9.53
C GLY B 261 -15.27 20.68 -8.40
N GLY B 262 -14.21 21.40 -8.77
CA GLY B 262 -13.23 22.01 -7.85
C GLY B 262 -12.51 23.19 -8.46
N ARG B 263 -11.77 23.95 -7.66
CA ARG B 263 -11.05 25.15 -8.16
C ARG B 263 -9.65 25.19 -7.60
N PRO B 264 -8.66 25.69 -8.37
CA PRO B 264 -7.30 25.75 -7.88
C PRO B 264 -7.25 26.55 -6.58
N LEU B 265 -6.59 25.97 -5.58
CA LEU B 265 -6.50 26.61 -4.24
C LEU B 265 -5.31 27.57 -4.25
N THR B 266 -5.52 28.75 -4.82
CA THR B 266 -4.48 29.75 -4.97
C THR B 266 -4.75 31.05 -4.16
N THR B 267 -5.66 31.00 -3.18
CA THR B 267 -6.09 32.12 -2.35
C THR B 267 -4.91 32.83 -1.60
N LEU B 268 -3.97 32.06 -1.03
CA LEU B 268 -2.81 32.65 -0.33
C LEU B 268 -1.91 33.48 -1.22
N PHE B 269 -2.07 33.39 -2.54
CA PHE B 269 -1.16 34.02 -3.49
C PHE B 269 -1.79 35.05 -4.38
N LYS B 270 -3.02 35.47 -4.10
CA LYS B 270 -3.69 36.50 -4.91
C LYS B 270 -2.91 37.81 -4.75
N GLY B 271 -2.55 38.40 -5.89
CA GLY B 271 -1.78 39.64 -5.94
C GLY B 271 -0.29 39.41 -6.02
N GLN B 272 0.22 38.45 -5.24
CA GLN B 272 1.64 38.16 -5.16
C GLN B 272 2.23 37.42 -6.36
N VAL B 273 1.40 36.73 -7.17
CA VAL B 273 1.88 36.01 -8.35
C VAL B 273 1.06 36.35 -9.57
N ALA B 274 1.66 36.22 -10.77
CA ALA B 274 0.96 36.42 -12.03
C ALA B 274 0.13 35.16 -12.29
N GLU B 275 -1.19 35.31 -12.50
CA GLU B 275 -2.01 34.15 -12.71
C GLU B 275 -2.86 34.25 -13.93
N GLU B 276 -2.94 33.13 -14.66
CA GLU B 276 -3.71 33.04 -15.89
C GLU B 276 -4.56 31.76 -15.96
N LYS B 277 -5.65 31.81 -16.73
CA LYS B 277 -6.61 30.72 -16.95
C LYS B 277 -7.01 29.95 -15.68
N GLY B 278 -7.25 30.68 -14.59
CA GLY B 278 -7.69 30.10 -13.33
C GLY B 278 -6.61 29.64 -12.39
N GLY B 279 -5.37 29.55 -12.88
CA GLY B 279 -4.26 29.09 -12.05
C GLY B 279 -3.10 30.05 -11.99
N ILE B 280 -2.05 29.68 -11.27
CA ILE B 280 -0.86 30.50 -11.12
C ILE B 280 0.02 30.26 -12.33
N LYS B 281 0.28 31.30 -13.13
CA LYS B 281 1.10 31.16 -14.34
C LYS B 281 2.54 30.68 -14.07
N THR B 282 3.02 29.73 -14.90
CA THR B 282 4.37 29.18 -14.77
C THR B 282 5.07 29.15 -16.15
N ASP B 283 6.39 29.00 -16.13
CA ASP B 283 7.17 28.83 -17.37
C ASP B 283 7.26 27.29 -17.66
N ALA B 284 8.11 26.86 -18.61
CA ALA B 284 8.28 25.43 -18.89
C ALA B 284 8.99 24.66 -17.74
N PHE B 285 9.27 25.33 -16.62
CA PHE B 285 9.98 24.72 -15.49
C PHE B 285 9.21 24.79 -14.18
N PHE B 286 7.95 25.26 -14.23
CA PHE B 286 7.00 25.41 -13.14
C PHE B 286 7.36 26.53 -12.18
N GLU B 287 8.21 27.49 -12.60
CA GLU B 287 8.52 28.65 -11.77
C GLU B 287 7.53 29.76 -12.11
N THR B 288 7.03 30.41 -11.07
CA THR B 288 6.09 31.51 -11.15
C THR B 288 6.81 32.84 -11.50
N SER B 289 6.08 33.97 -11.59
CA SER B 289 6.71 35.28 -11.79
C SER B 289 7.64 35.66 -10.60
N VAL B 290 7.60 34.93 -9.48
CA VAL B 290 8.45 35.20 -8.33
C VAL B 290 9.57 34.19 -8.31
N PRO B 291 10.82 34.66 -8.51
CA PRO B 291 11.97 33.73 -8.53
C PRO B 291 12.05 32.88 -7.27
N GLY B 292 12.26 31.60 -7.45
CA GLY B 292 12.34 30.68 -6.32
C GLY B 292 10.99 30.23 -5.79
N VAL B 293 9.89 30.61 -6.43
CA VAL B 293 8.58 30.13 -6.08
C VAL B 293 8.06 29.38 -7.29
N TYR B 294 7.82 28.09 -7.09
CA TYR B 294 7.33 27.18 -8.10
C TYR B 294 5.85 26.82 -7.80
N ALA B 295 5.04 26.54 -8.83
CA ALA B 295 3.63 26.14 -8.68
C ALA B 295 3.40 24.90 -9.55
N ILE B 296 3.08 23.75 -8.94
CA ILE B 296 2.93 22.49 -9.65
C ILE B 296 1.51 21.89 -9.50
N GLY B 297 1.22 20.84 -10.27
CA GLY B 297 -0.04 20.11 -10.20
C GLY B 297 -1.24 20.94 -10.60
N ASP B 298 -2.36 20.70 -9.92
CA ASP B 298 -3.62 21.40 -10.16
C ASP B 298 -3.56 22.93 -10.33
N VAL B 299 -2.75 23.63 -9.51
CA VAL B 299 -2.74 25.10 -9.54
C VAL B 299 -2.02 25.71 -10.74
N ALA B 300 -1.10 24.98 -11.37
CA ALA B 300 -0.29 25.54 -12.44
C ALA B 300 -0.96 25.75 -13.78
N THR B 301 -0.81 26.97 -14.32
CA THR B 301 -1.20 27.25 -15.69
C THR B 301 0.16 27.36 -16.38
N PHE B 302 0.53 26.30 -17.08
CA PHE B 302 1.84 26.10 -17.69
C PHE B 302 1.78 26.06 -19.21
N PRO B 303 2.91 26.31 -19.90
CA PRO B 303 2.88 26.16 -21.36
C PRO B 303 2.85 24.67 -21.73
N LEU B 304 1.82 24.27 -22.47
CA LEU B 304 1.68 22.89 -22.95
C LEU B 304 2.38 22.85 -24.33
N LYS B 305 3.67 22.47 -24.31
CA LYS B 305 4.55 22.43 -25.48
C LYS B 305 3.90 21.89 -26.80
N MET B 306 3.21 20.73 -26.75
CA MET B 306 2.58 20.09 -27.91
C MET B 306 1.62 20.99 -28.65
N TYR B 307 0.87 21.81 -27.92
CA TYR B 307 -0.19 22.60 -28.52
C TYR B 307 0.08 24.10 -28.59
N ASN B 308 1.29 24.55 -28.14
CA ASN B 308 1.70 25.97 -28.15
C ASN B 308 0.65 26.85 -27.47
N GLU B 309 0.25 26.50 -26.25
CA GLU B 309 -0.78 27.20 -25.48
C GLU B 309 -0.55 27.05 -23.99
N LEU B 310 -1.03 28.02 -23.19
CA LEU B 310 -0.99 27.87 -21.74
C LEU B 310 -2.23 27.03 -21.37
N ARG B 311 -2.05 25.99 -20.55
CA ARG B 311 -3.15 25.15 -20.12
C ARG B 311 -3.10 24.85 -18.63
N ARG B 312 -4.26 24.47 -18.08
CA ARG B 312 -4.43 24.06 -16.69
C ARG B 312 -5.19 22.74 -16.70
N VAL B 313 -4.64 21.71 -16.06
CA VAL B 313 -5.28 20.38 -16.00
C VAL B 313 -5.42 19.91 -14.55
N GLU B 314 -6.31 18.94 -14.35
CA GLU B 314 -6.52 18.25 -13.10
C GLU B 314 -6.35 16.78 -13.44
N HIS B 315 -5.09 16.41 -13.70
CA HIS B 315 -4.67 15.06 -14.07
C HIS B 315 -3.66 14.61 -13.06
N VAL B 316 -3.80 13.37 -12.56
CA VAL B 316 -2.83 12.86 -11.60
C VAL B 316 -1.44 12.67 -12.28
N ASP B 317 -1.40 12.37 -13.61
CA ASP B 317 -0.15 12.19 -14.36
C ASP B 317 0.61 13.50 -14.41
N HIS B 318 -0.10 14.62 -14.67
CA HIS B 318 0.51 15.94 -14.66
C HIS B 318 1.00 16.32 -13.24
N SER B 319 0.29 15.92 -12.18
CA SER B 319 0.71 16.22 -10.82
C SER B 319 2.04 15.58 -10.45
N ARG B 320 2.23 14.32 -10.85
CA ARG B 320 3.43 13.56 -10.60
C ARG B 320 4.55 14.12 -11.46
N LYS B 321 4.28 14.39 -12.76
CA LYS B 321 5.28 14.86 -13.73
C LYS B 321 5.74 16.30 -13.51
N SER B 322 4.81 17.23 -13.27
CA SER B 322 5.15 18.61 -12.99
C SER B 322 5.95 18.72 -11.68
N ALA B 323 5.66 17.87 -10.67
CA ALA B 323 6.43 17.87 -9.42
C ALA B 323 7.89 17.46 -9.69
N GLU B 324 8.08 16.49 -10.58
CA GLU B 324 9.41 16.03 -10.94
C GLU B 324 10.10 17.09 -11.76
N GLN B 325 9.40 17.76 -12.67
CA GLN B 325 9.98 18.80 -13.48
C GLN B 325 10.47 19.95 -12.60
N ALA B 326 9.65 20.37 -11.63
CA ALA B 326 10.03 21.46 -10.74
C ALA B 326 11.29 21.13 -9.93
N VAL B 327 11.35 19.95 -9.29
CA VAL B 327 12.52 19.56 -8.49
C VAL B 327 13.77 19.40 -9.34
N LYS B 328 13.63 19.01 -10.62
CA LYS B 328 14.79 18.91 -11.52
C LYS B 328 15.28 20.31 -11.91
N ALA B 329 14.33 21.27 -12.10
CA ALA B 329 14.65 22.67 -12.42
C ALA B 329 15.33 23.39 -11.23
N ILE B 330 14.88 23.12 -9.98
CA ILE B 330 15.47 23.71 -8.79
C ILE B 330 16.88 23.15 -8.59
N LYS B 331 17.04 21.82 -8.65
CA LYS B 331 18.35 21.21 -8.52
C LYS B 331 19.28 21.53 -9.70
N GLY B 332 18.71 21.70 -10.89
CA GLY B 332 19.45 22.03 -12.10
C GLY B 332 19.88 23.48 -12.12
N LYS B 333 19.12 24.36 -11.44
CA LYS B 333 19.50 25.77 -11.33
C LYS B 333 20.67 25.92 -10.33
N GLU B 334 20.79 25.01 -9.33
CA GLU B 334 21.92 25.04 -8.41
C GLU B 334 23.13 24.44 -9.12
N SER B 335 22.94 23.28 -9.76
CA SER B 335 24.00 22.54 -10.43
C SER B 335 24.48 23.12 -11.75
N GLY B 336 23.69 23.99 -12.37
CA GLY B 336 24.00 24.50 -13.70
C GLY B 336 23.67 23.49 -14.80
N GLU B 337 23.32 22.21 -14.44
CA GLU B 337 22.94 21.14 -15.38
C GLU B 337 21.75 21.56 -16.26
N SER B 338 21.68 20.99 -17.47
CA SER B 338 20.63 21.37 -18.41
C SER B 338 19.37 20.59 -18.18
N VAL B 339 18.26 21.32 -17.94
CA VAL B 339 16.95 20.71 -17.73
C VAL B 339 16.05 21.07 -18.89
N PRO B 340 15.53 20.09 -19.65
CA PRO B 340 14.66 20.42 -20.80
C PRO B 340 13.29 20.95 -20.41
N GLU B 341 12.62 21.61 -21.36
CA GLU B 341 11.28 22.13 -21.15
C GLU B 341 10.28 21.00 -20.90
N TYR B 342 9.26 21.27 -20.07
CA TYR B 342 8.19 20.33 -19.73
C TYR B 342 7.44 19.98 -21.01
N ASP B 343 7.36 18.68 -21.31
CA ASP B 343 6.66 18.22 -22.50
C ASP B 343 5.56 17.25 -22.10
N TYR B 344 4.41 17.79 -21.73
CA TYR B 344 3.28 16.95 -21.27
C TYR B 344 2.36 16.49 -22.41
N LEU B 345 2.03 15.20 -22.46
CA LEU B 345 0.99 14.71 -23.37
C LEU B 345 -0.20 14.52 -22.41
N PRO B 346 -1.27 15.31 -22.57
CA PRO B 346 -2.44 15.14 -21.68
C PRO B 346 -2.97 13.73 -21.60
N TYR B 347 -3.01 13.18 -20.38
CA TYR B 347 -3.47 11.84 -20.12
C TYR B 347 -4.42 11.90 -18.96
N PHE B 348 -5.61 11.39 -19.15
CA PHE B 348 -6.59 11.28 -18.09
C PHE B 348 -7.17 9.86 -18.14
N TYR B 349 -7.66 9.37 -17.02
CA TYR B 349 -8.24 8.03 -16.96
C TYR B 349 -9.34 8.02 -15.91
N SER B 350 -10.17 6.97 -15.91
CA SER B 350 -11.23 6.75 -14.92
C SER B 350 -11.58 5.27 -14.90
N ARG B 351 -11.92 4.74 -13.73
CA ARG B 351 -12.32 3.34 -13.59
C ARG B 351 -13.55 3.31 -12.71
N SER B 352 -14.46 2.40 -13.01
CA SER B 352 -15.66 2.19 -12.21
C SER B 352 -16.28 0.88 -12.66
N PHE B 353 -16.92 0.16 -11.72
CA PHE B 353 -17.53 -1.15 -11.99
C PHE B 353 -16.40 -2.09 -12.50
N ASP B 354 -16.57 -2.75 -13.66
CA ASP B 354 -15.52 -3.59 -14.23
C ASP B 354 -14.90 -2.95 -15.47
N LEU B 355 -15.13 -1.63 -15.68
CA LEU B 355 -14.66 -0.80 -16.76
C LEU B 355 -13.40 -0.02 -16.33
N GLY B 356 -12.73 0.52 -17.32
CA GLY B 356 -11.56 1.35 -17.15
C GLY B 356 -11.21 1.96 -18.48
N TRP B 357 -11.18 3.30 -18.57
CA TRP B 357 -10.80 3.95 -19.81
C TRP B 357 -9.61 4.89 -19.66
N GLN B 358 -8.99 5.21 -20.76
CA GLN B 358 -7.84 6.11 -20.81
C GLN B 358 -8.02 7.06 -21.97
N PHE B 359 -7.56 8.30 -21.82
CA PHE B 359 -7.65 9.29 -22.88
C PHE B 359 -6.29 10.02 -22.98
N TYR B 360 -5.79 10.17 -24.21
CA TYR B 360 -4.56 10.88 -24.48
C TYR B 360 -4.75 11.96 -25.56
N GLY B 361 -4.14 13.11 -25.36
CA GLY B 361 -4.15 14.17 -26.36
C GLY B 361 -5.09 15.32 -26.12
N ASP B 362 -5.83 15.70 -27.17
CA ASP B 362 -6.75 16.80 -27.10
C ASP B 362 -8.04 16.42 -27.79
N ASN B 363 -9.18 16.61 -27.12
CA ASN B 363 -10.48 16.26 -27.70
C ASN B 363 -10.99 17.39 -28.61
N VAL B 364 -10.39 17.51 -29.80
CA VAL B 364 -10.73 18.57 -30.75
C VAL B 364 -10.99 17.97 -32.13
N GLY B 365 -11.84 18.64 -32.90
CA GLY B 365 -12.16 18.23 -34.26
C GLY B 365 -13.32 17.26 -34.39
N GLU B 366 -13.36 16.49 -35.49
CA GLU B 366 -14.43 15.52 -35.67
C GLU B 366 -14.10 14.17 -35.02
N THR B 367 -15.14 13.41 -34.59
CA THR B 367 -14.91 12.15 -33.91
C THR B 367 -15.46 10.89 -34.60
N ILE B 368 -14.82 9.75 -34.31
CA ILE B 368 -15.27 8.43 -34.76
C ILE B 368 -15.22 7.47 -33.58
N LEU B 369 -16.14 6.51 -33.52
CA LEU B 369 -16.15 5.49 -32.51
C LEU B 369 -15.97 4.14 -33.21
N PHE B 370 -15.18 3.27 -32.62
CA PHE B 370 -14.91 1.96 -33.21
C PHE B 370 -14.80 0.89 -32.10
N GLY B 371 -14.90 -0.37 -32.48
CA GLY B 371 -14.77 -1.49 -31.57
C GLY B 371 -16.08 -2.12 -31.12
N ASP B 372 -16.01 -2.83 -30.01
CA ASP B 372 -17.12 -3.51 -29.39
C ASP B 372 -17.64 -2.63 -28.24
N SER B 373 -18.61 -1.74 -28.55
CA SER B 373 -19.20 -0.84 -27.58
C SER B 373 -20.57 -1.35 -27.10
N ASP B 374 -20.68 -2.66 -26.93
CA ASP B 374 -21.91 -3.28 -26.45
C ASP B 374 -21.75 -3.39 -24.92
N PRO B 375 -22.65 -2.76 -24.15
CA PRO B 375 -22.54 -2.79 -22.69
C PRO B 375 -22.63 -4.17 -22.07
N THR B 376 -23.31 -5.09 -22.77
CA THR B 376 -23.55 -6.47 -22.37
C THR B 376 -22.42 -7.42 -22.73
N SER B 377 -21.46 -6.97 -23.58
CA SER B 377 -20.30 -7.77 -23.95
C SER B 377 -19.52 -8.16 -22.69
N SER B 378 -18.92 -9.35 -22.67
CA SER B 378 -18.18 -9.80 -21.50
C SER B 378 -16.97 -8.91 -21.22
N LYS B 379 -16.30 -8.44 -22.29
CA LYS B 379 -15.13 -7.57 -22.12
C LYS B 379 -15.24 -6.42 -23.09
N PRO B 380 -16.08 -5.41 -22.76
CA PRO B 380 -16.25 -4.28 -23.69
C PRO B 380 -14.95 -3.59 -24.03
N LYS B 381 -14.69 -3.42 -25.32
CA LYS B 381 -13.45 -2.80 -25.78
C LYS B 381 -13.74 -1.94 -26.98
N PHE B 382 -13.83 -0.63 -26.77
CA PHE B 382 -14.12 0.31 -27.83
C PHE B 382 -13.31 1.58 -27.63
N GLY B 383 -13.04 2.28 -28.74
CA GLY B 383 -12.28 3.51 -28.67
C GLY B 383 -12.90 4.64 -29.47
N SER B 384 -12.22 5.77 -29.45
CA SER B 384 -12.64 6.93 -30.22
C SER B 384 -11.43 7.76 -30.68
N TYR B 385 -11.50 8.37 -31.88
CA TYR B 385 -10.43 9.28 -32.31
C TYR B 385 -11.04 10.64 -32.59
N TRP B 386 -10.25 11.68 -32.39
CA TRP B 386 -10.60 13.07 -32.64
C TRP B 386 -9.60 13.50 -33.69
N ILE B 387 -10.10 13.98 -34.84
CA ILE B 387 -9.32 14.37 -36.00
C ILE B 387 -9.48 15.87 -36.24
N LYS B 388 -8.36 16.60 -36.26
CA LYS B 388 -8.37 18.02 -36.54
C LYS B 388 -7.23 18.30 -37.48
N ASP B 389 -7.49 19.09 -38.54
CA ASP B 389 -6.53 19.45 -39.58
C ASP B 389 -5.96 18.21 -40.28
N GLY B 390 -6.74 17.15 -40.43
CA GLY B 390 -6.30 15.93 -41.10
C GLY B 390 -5.34 15.06 -40.30
N LYS B 391 -5.25 15.30 -38.97
CA LYS B 391 -4.36 14.53 -38.09
C LYS B 391 -5.11 14.10 -36.83
N VAL B 392 -4.74 12.94 -36.24
CA VAL B 392 -5.40 12.50 -35.02
C VAL B 392 -4.89 13.36 -33.84
N PHE B 393 -5.78 14.10 -33.18
CA PHE B 393 -5.40 14.91 -32.02
C PHE B 393 -5.66 14.17 -30.72
N GLY B 394 -6.76 13.44 -30.65
CA GLY B 394 -7.13 12.73 -29.43
C GLY B 394 -7.50 11.28 -29.60
N ALA B 395 -7.21 10.48 -28.58
CA ALA B 395 -7.52 9.08 -28.57
C ALA B 395 -8.09 8.59 -27.22
N PHE B 396 -9.23 7.89 -27.29
CA PHE B 396 -9.86 7.31 -26.13
C PHE B 396 -9.95 5.81 -26.33
N LEU B 397 -9.84 5.04 -25.24
CA LEU B 397 -10.02 3.61 -25.30
C LEU B 397 -10.56 3.07 -23.98
N GLU B 398 -11.69 2.32 -24.05
CA GLU B 398 -12.27 1.60 -22.94
C GLU B 398 -11.81 0.14 -23.06
N GLY B 399 -11.35 -0.45 -21.96
CA GLY B 399 -11.04 -1.87 -21.90
C GLY B 399 -9.83 -2.38 -22.66
N GLY B 400 -8.90 -1.50 -22.95
CA GLY B 400 -7.70 -1.88 -23.66
C GLY B 400 -6.67 -2.55 -22.77
N SER B 401 -5.80 -3.34 -23.37
CA SER B 401 -4.72 -3.99 -22.67
C SER B 401 -3.63 -2.92 -22.41
N PRO B 402 -2.65 -3.12 -21.51
CA PRO B 402 -1.62 -2.10 -21.33
C PRO B 402 -0.87 -1.76 -22.64
N ASP B 403 -0.76 -2.71 -23.57
CA ASP B 403 -0.10 -2.47 -24.86
C ASP B 403 -0.95 -1.61 -25.76
N GLU B 404 -2.26 -1.93 -25.86
CA GLU B 404 -3.22 -1.18 -26.65
C GLU B 404 -3.33 0.26 -26.11
N ASN B 405 -3.22 0.44 -24.80
CA ASN B 405 -3.27 1.74 -24.15
C ASN B 405 -2.01 2.54 -24.50
N ASN B 406 -0.84 1.88 -24.53
CA ASN B 406 0.39 2.57 -24.92
C ASN B 406 0.40 2.92 -26.41
N ALA B 407 -0.24 2.10 -27.25
CA ALA B 407 -0.35 2.40 -28.68
C ALA B 407 -1.26 3.61 -28.95
N ILE B 408 -2.30 3.77 -28.12
CA ILE B 408 -3.23 4.90 -28.16
C ILE B 408 -2.50 6.22 -27.76
N ALA B 409 -1.51 6.11 -26.85
CA ALA B 409 -0.68 7.22 -26.40
C ALA B 409 0.29 7.62 -27.51
N LYS B 410 0.91 6.64 -28.21
CA LYS B 410 1.80 6.94 -29.33
C LYS B 410 1.05 7.68 -30.43
N VAL B 411 -0.21 7.29 -30.69
CA VAL B 411 -1.02 7.98 -31.69
C VAL B 411 -1.25 9.44 -31.29
N ALA B 412 -1.60 9.69 -30.02
CA ALA B 412 -1.91 11.03 -29.55
C ALA B 412 -0.69 11.93 -29.53
N LYS B 413 0.46 11.36 -29.18
CA LYS B 413 1.74 12.09 -29.15
C LYS B 413 2.24 12.45 -30.57
N THR B 414 2.19 11.49 -31.51
CA THR B 414 2.71 11.70 -32.87
C THR B 414 1.73 12.36 -33.84
N GLN B 415 0.41 12.29 -33.56
CA GLN B 415 -0.65 12.85 -34.37
C GLN B 415 -0.59 12.43 -35.84
N PRO B 416 -0.65 11.12 -36.14
CA PRO B 416 -0.53 10.68 -37.54
C PRO B 416 -1.58 11.23 -38.48
N PRO B 417 -1.23 11.43 -39.77
CA PRO B 417 -2.23 11.94 -40.72
C PRO B 417 -3.32 10.92 -41.02
N VAL B 418 -4.50 11.41 -41.35
CA VAL B 418 -5.69 10.61 -41.67
C VAL B 418 -6.18 11.06 -43.05
N ALA B 419 -5.89 10.26 -44.09
CA ALA B 419 -6.38 10.61 -45.43
C ALA B 419 -7.88 10.37 -45.51
N SER B 420 -8.40 9.36 -44.81
CA SER B 420 -9.83 9.09 -44.82
C SER B 420 -10.35 8.69 -43.45
N ILE B 421 -11.33 9.48 -42.93
CA ILE B 421 -11.98 9.24 -41.64
C ILE B 421 -12.82 7.97 -41.68
N GLU B 422 -13.46 7.69 -42.84
CA GLU B 422 -14.22 6.44 -42.98
C GLU B 422 -13.26 5.26 -42.96
N GLU B 423 -12.07 5.40 -43.57
CA GLU B 423 -11.10 4.33 -43.59
C GLU B 423 -10.47 4.08 -42.24
N LEU B 424 -10.25 5.17 -41.47
CA LEU B 424 -9.71 5.13 -40.12
C LEU B 424 -10.73 4.44 -39.17
N LYS B 425 -12.04 4.65 -39.40
CA LYS B 425 -13.08 4.01 -38.61
C LYS B 425 -13.06 2.52 -38.87
N LYS B 426 -12.95 2.10 -40.14
CA LYS B 426 -12.89 0.67 -40.48
C LYS B 426 -11.64 0.03 -39.86
N GLU B 427 -10.48 0.73 -39.91
CA GLU B 427 -9.24 0.29 -39.29
C GLU B 427 -9.41 0.12 -37.77
N GLY B 428 -10.03 1.11 -37.12
CA GLY B 428 -10.28 1.09 -35.69
C GLY B 428 -9.07 1.00 -34.79
N LEU B 429 -9.12 0.09 -33.78
CA LEU B 429 -8.04 -0.13 -32.82
C LEU B 429 -6.75 -0.61 -33.47
N GLN B 430 -6.86 -1.27 -34.65
CA GLN B 430 -5.69 -1.73 -35.40
C GLN B 430 -4.86 -0.55 -35.90
N PHE B 431 -5.45 0.65 -36.06
CA PHE B 431 -4.70 1.81 -36.52
C PHE B 431 -3.60 2.17 -35.55
N ALA B 432 -3.86 2.05 -34.25
CA ALA B 432 -2.89 2.38 -33.23
C ALA B 432 -1.75 1.37 -33.15
N SER B 433 -2.07 0.09 -33.32
CA SER B 433 -1.08 -0.98 -33.27
C SER B 433 -0.12 -0.95 -34.47
N LYS B 434 -0.59 -0.47 -35.64
CA LYS B 434 0.19 -0.36 -36.86
C LYS B 434 1.20 0.79 -36.79
N ILE B 435 0.81 1.89 -36.13
CA ILE B 435 1.59 3.11 -35.92
C ILE B 435 2.62 2.89 -34.81
#